data_5FBR
#
_entry.id   5FBR
#
_cell.length_a   49.266
_cell.length_b   103.937
_cell.length_c   187.646
_cell.angle_alpha   90.00
_cell.angle_beta   90.00
_cell.angle_gamma   90.00
#
_symmetry.space_group_name_H-M   'P 21 21 21'
#
loop_
_entity.id
_entity.type
_entity.pdbx_description
1 polymer 'Phosphatidylinositol 4-kinase beta,Phosphatidylinositol 4-kinase beta'
2 polymer 'Ras-related protein Rab-11A'
3 non-polymer ~{N}-[2-[[3-[3-[(4-azanylcyclohexyl)sulfamoyl]-4-methoxy-phenyl]-6-chloranyl-2-methyl-imidazo[1,2-b]pyridazin-8-yl]amino]ethyl]ethanamide
4 non-polymer "5'-GUANOSINE-DIPHOSPHATE-MONOTHIOPHOSPHATE"
#
loop_
_entity_poly.entity_id
_entity_poly.type
_entity_poly.pdbx_seq_one_letter_code
_entity_poly.pdbx_strand_id
1 'polypeptide(L)'
;SWLLRLFESKLFDISMAISYLYNSKEPGVQAYIGNRLFCFRNEDVDFYLPQLLNMYIHMDEDVGDAIKPYIVHRCRQSIN
FSLQCALLLGAYSSDMHISTQRHSRGTKLRKLILSDELKPAHRKRELPSLSPAPDTGLSPSKRTHQRSKSDATASISLSS
NLKRTASNPKVENEDEELSSSTESIDNSFSSPVRLAPEREFIKSLMAIGKRLATLPTKEQKTQRLISELSLLNHKLPARV
WLPTAGFDHHVVRVPHTQAVVLNSKDKAPYLIYVEVLECENFDTTSVPARIPENRRDPEDPSAVALKEPWQEKVRRIREG
SPYGHLPNWRLLSVIVKCGDDLRQELLAFQVLKQLQSIWEQERVPLWIKPYKILVISADSGMIEPVVNAVSIHQVKKQSQ
LSLLDYFLQEHGSYTTEAFLSAQRNFVQSCAGYCLVCYLLQVKDRHNGNILLDAEGHIIHIDFGFILSSSPRNLGFETSA
FKLTTEFVDVMGGLDGDMFNYYKMLMLQGLIAARKHMDKVVQIVEIMQQGSQLPCFHGSSTIRNLKERFHMSMTEEQLQL
LVEQMVDGSMRS
;
A
2 'polypeptide(L)'
;GAMGSMGTRDDEYDYLFKVVLIGDSGVGKSNLLSRFTRNEFNLESKSTIGVEFATRSIQVDGKTIKAQIWDTAGLERYRA
ITSAYYRGAVGALLVYDIAKHLTYENVERWLKELRDHADSNIVIMLVGNKSDLRHLRAVPTDEARAFAEKNGLSFIETSA
LDSTNVEAAFQTILTEIYRIVSQKQMSDRRENDMSPSNNVVPIHVPPTTENKPKVQCCQNI
;
B
#
loop_
_chem_comp.id
_chem_comp.type
_chem_comp.name
_chem_comp.formula
5W7 non-polymer ~{N}-[2-[[3-[3-[(4-azanylcyclohexyl)sulfamoyl]-4-methoxy-phenyl]-6-chloranyl-2-methyl-imidazo[1,2-b]pyridazin-8-yl]amino]ethyl]ethanamide 'C24 H32 Cl N7 O4 S'
GSP non-polymer 5'-GUANOSINE-DIPHOSPHATE-MONOTHIOPHOSPHATE 'C10 H16 N5 O13 P3 S'
#
# COMPACT_ATOMS: atom_id res chain seq x y z
N SER A 1 7.05 5.48 -39.48
CA SER A 1 7.73 4.40 -38.77
C SER A 1 8.10 4.82 -37.35
N TRP A 2 8.07 6.13 -37.10
CA TRP A 2 8.53 6.70 -35.83
C TRP A 2 7.61 6.26 -34.69
N LEU A 3 6.33 6.10 -35.01
CA LEU A 3 5.34 5.61 -34.07
C LEU A 3 5.60 4.13 -33.81
N LEU A 4 5.58 3.35 -34.88
CA LEU A 4 5.86 1.92 -34.86
C LEU A 4 7.18 1.61 -34.17
N ARG A 5 8.11 2.55 -34.25
CA ARG A 5 9.39 2.40 -33.58
C ARG A 5 9.16 2.27 -32.07
N LEU A 6 8.39 3.20 -31.53
CA LEU A 6 8.06 3.21 -30.11
C LEU A 6 7.34 1.93 -29.68
N PHE A 7 6.30 1.57 -30.41
CA PHE A 7 5.51 0.38 -30.09
C PHE A 7 6.34 -0.89 -30.06
N GLU A 8 7.44 -0.91 -30.82
CA GLU A 8 8.32 -2.06 -30.85
C GLU A 8 9.48 -1.94 -29.86
N SER A 9 9.55 -0.82 -29.16
CA SER A 9 10.63 -0.63 -28.19
C SER A 9 10.28 -1.26 -26.85
N LYS A 10 11.26 -1.30 -25.95
CA LYS A 10 11.06 -1.86 -24.62
C LYS A 10 10.07 -1.00 -23.84
N LEU A 11 10.07 0.29 -24.14
CA LEU A 11 9.18 1.27 -23.50
C LEU A 11 7.70 0.93 -23.58
N PHE A 12 7.34 0.05 -24.51
CA PHE A 12 5.95 -0.28 -24.74
C PHE A 12 5.43 -1.24 -23.68
N ASP A 13 4.49 -0.76 -22.86
CA ASP A 13 3.77 -1.62 -21.94
C ASP A 13 2.27 -1.47 -22.05
N ILE A 14 1.54 -2.38 -21.40
CA ILE A 14 0.09 -2.39 -21.41
C ILE A 14 -0.52 -1.02 -21.08
N SER A 15 0.16 -0.27 -20.22
CA SER A 15 -0.30 1.08 -19.87
C SER A 15 -0.32 1.95 -21.12
N MET A 16 0.84 2.07 -21.76
CA MET A 16 1.00 2.84 -22.98
C MET A 16 0.01 2.41 -24.06
N ALA A 17 -0.13 1.10 -24.21
CA ALA A 17 -1.05 0.52 -25.19
C ALA A 17 -2.45 1.08 -25.06
N ILE A 18 -3.00 1.05 -23.85
CA ILE A 18 -4.35 1.49 -23.60
C ILE A 18 -4.47 2.98 -23.89
N SER A 19 -3.43 3.74 -23.55
CA SER A 19 -3.45 5.18 -23.75
C SER A 19 -3.61 5.52 -25.21
N TYR A 20 -2.81 4.87 -26.05
CA TYR A 20 -2.86 5.12 -27.49
C TYR A 20 -4.18 4.61 -28.06
N LEU A 21 -4.58 3.43 -27.61
CA LEU A 21 -5.86 2.84 -28.01
C LEU A 21 -7.00 3.80 -27.68
N TYR A 22 -6.89 4.45 -26.53
CA TYR A 22 -7.93 5.34 -26.01
C TYR A 22 -7.95 6.65 -26.79
N ASN A 23 -6.76 7.09 -27.20
CA ASN A 23 -6.56 8.42 -27.77
C ASN A 23 -6.48 8.43 -29.29
N SER A 24 -5.69 7.52 -29.84
CA SER A 24 -5.48 7.44 -31.29
C SER A 24 -6.80 7.32 -32.03
N LYS A 25 -6.94 8.13 -33.08
CA LYS A 25 -8.11 8.07 -33.95
C LYS A 25 -7.79 7.27 -35.20
N GLU A 26 -6.56 6.78 -35.27
CA GLU A 26 -6.11 6.01 -36.42
C GLU A 26 -6.56 4.57 -36.26
N PRO A 27 -7.41 4.09 -37.18
CA PRO A 27 -7.91 2.71 -37.07
C PRO A 27 -6.79 1.69 -37.24
N GLY A 28 -5.72 2.10 -37.89
CA GLY A 28 -4.60 1.21 -38.12
C GLY A 28 -3.84 0.95 -36.84
N VAL A 29 -3.83 1.93 -35.95
CA VAL A 29 -3.14 1.81 -34.68
C VAL A 29 -3.97 0.99 -33.70
N GLN A 30 -5.26 1.32 -33.64
CA GLN A 30 -6.23 0.60 -32.82
C GLN A 30 -6.16 -0.90 -33.08
N ALA A 31 -6.23 -1.27 -34.35
CA ALA A 31 -6.17 -2.67 -34.76
C ALA A 31 -4.81 -3.28 -34.43
N TYR A 32 -3.74 -2.52 -34.65
CA TYR A 32 -2.40 -2.98 -34.30
C TYR A 32 -2.24 -3.33 -32.83
N ILE A 33 -2.87 -2.52 -31.97
CA ILE A 33 -2.73 -2.71 -30.54
C ILE A 33 -3.59 -3.87 -30.06
N GLY A 34 -4.82 -3.93 -30.57
CA GLY A 34 -5.70 -5.06 -30.36
C GLY A 34 -4.99 -6.39 -30.47
N ASN A 35 -4.12 -6.50 -31.48
CA ASN A 35 -3.33 -7.71 -31.67
C ASN A 35 -2.19 -7.86 -30.67
N ARG A 36 -1.58 -6.73 -30.31
CA ARG A 36 -0.41 -6.77 -29.43
C ARG A 36 -0.77 -7.15 -27.99
N LEU A 37 -2.04 -7.02 -27.62
CA LEU A 37 -2.47 -7.41 -26.29
C LEU A 37 -2.07 -8.84 -25.96
N PHE A 38 -2.15 -9.71 -26.96
CA PHE A 38 -1.84 -11.12 -26.78
C PHE A 38 -0.41 -11.38 -26.29
N CYS A 39 0.54 -10.54 -26.69
CA CYS A 39 1.93 -10.75 -26.29
C CYS A 39 2.17 -10.46 -24.81
N PHE A 40 1.31 -9.63 -24.21
CA PHE A 40 1.52 -9.23 -22.83
C PHE A 40 1.12 -10.34 -21.87
N ARG A 41 1.63 -10.27 -20.65
CA ARG A 41 1.29 -11.24 -19.63
C ARG A 41 -0.15 -11.03 -19.18
N ASN A 42 -0.88 -12.15 -19.07
CA ASN A 42 -2.27 -12.14 -18.66
C ASN A 42 -2.54 -11.26 -17.44
N GLU A 43 -1.63 -11.34 -16.48
CA GLU A 43 -1.76 -10.65 -15.20
C GLU A 43 -1.75 -9.14 -15.38
N ASP A 44 -0.89 -8.65 -16.26
CA ASP A 44 -0.69 -7.22 -16.46
C ASP A 44 -1.92 -6.60 -17.08
N VAL A 45 -2.51 -7.29 -18.04
CA VAL A 45 -3.66 -6.80 -18.79
C VAL A 45 -4.91 -6.85 -17.94
N ASP A 46 -5.01 -7.89 -17.11
CA ASP A 46 -6.14 -8.09 -16.21
C ASP A 46 -6.51 -6.83 -15.42
N PHE A 47 -5.48 -6.17 -14.88
CA PHE A 47 -5.65 -4.97 -14.07
C PHE A 47 -6.45 -3.89 -14.79
N TYR A 48 -6.41 -3.90 -16.12
CA TYR A 48 -7.05 -2.86 -16.91
C TYR A 48 -8.38 -3.31 -17.51
N LEU A 49 -8.85 -4.48 -17.07
CA LEU A 49 -10.07 -5.08 -17.62
C LEU A 49 -11.28 -4.15 -17.57
N PRO A 50 -11.42 -3.35 -16.51
CA PRO A 50 -12.58 -2.48 -16.45
C PRO A 50 -12.52 -1.39 -17.53
N GLN A 51 -11.32 -0.95 -17.86
CA GLN A 51 -11.13 0.11 -18.86
C GLN A 51 -11.44 -0.41 -20.24
N LEU A 52 -10.77 -1.52 -20.59
CA LEU A 52 -10.99 -2.17 -21.87
C LEU A 52 -12.49 -2.38 -22.13
N LEU A 53 -13.17 -2.99 -21.17
CA LEU A 53 -14.59 -3.28 -21.32
C LEU A 53 -15.44 -2.02 -21.39
N ASN A 54 -15.00 -0.96 -20.70
CA ASN A 54 -15.72 0.31 -20.74
C ASN A 54 -15.62 0.94 -22.11
N MET A 55 -14.39 0.99 -22.64
CA MET A 55 -14.13 1.44 -24.00
C MET A 55 -14.98 0.70 -25.02
N TYR A 56 -14.96 -0.63 -24.95
CA TYR A 56 -15.80 -1.46 -25.81
C TYR A 56 -17.24 -0.95 -25.86
N ILE A 57 -17.79 -0.67 -24.70
CA ILE A 57 -19.17 -0.22 -24.60
C ILE A 57 -19.37 1.18 -25.17
N HIS A 58 -18.53 2.13 -24.75
CA HIS A 58 -18.82 3.54 -24.94
C HIS A 58 -18.08 4.21 -26.10
N MET A 59 -17.18 3.48 -26.74
CA MET A 59 -16.36 4.06 -27.80
C MET A 59 -16.79 3.62 -29.19
N ASP A 60 -16.19 4.24 -30.21
CA ASP A 60 -16.46 3.91 -31.61
C ASP A 60 -16.26 2.43 -31.86
N GLU A 61 -17.05 1.87 -32.78
CA GLU A 61 -17.01 0.44 -33.06
C GLU A 61 -15.60 -0.02 -33.39
N ASP A 62 -14.88 0.78 -34.18
CA ASP A 62 -13.49 0.52 -34.52
C ASP A 62 -12.65 0.17 -33.30
N VAL A 63 -12.85 0.91 -32.21
CA VAL A 63 -12.06 0.72 -31.01
C VAL A 63 -12.44 -0.60 -30.36
N GLY A 64 -13.75 -0.78 -30.16
CA GLY A 64 -14.32 -2.03 -29.71
C GLY A 64 -13.84 -3.27 -30.46
N ASP A 65 -13.90 -3.23 -31.78
CA ASP A 65 -13.58 -4.40 -32.59
C ASP A 65 -12.14 -4.85 -32.42
N ALA A 66 -11.27 -3.92 -32.03
CA ALA A 66 -9.86 -4.25 -31.80
C ALA A 66 -9.66 -4.95 -30.46
N ILE A 67 -10.49 -4.61 -29.49
CA ILE A 67 -10.40 -5.19 -28.15
C ILE A 67 -11.04 -6.58 -28.06
N LYS A 68 -12.16 -6.75 -28.77
CA LYS A 68 -13.02 -7.92 -28.61
C LYS A 68 -12.27 -9.25 -28.75
N PRO A 69 -11.52 -9.41 -29.86
CA PRO A 69 -10.82 -10.66 -30.14
C PRO A 69 -9.98 -11.16 -28.97
N TYR A 70 -9.24 -10.26 -28.33
CA TYR A 70 -8.42 -10.62 -27.18
C TYR A 70 -9.29 -11.07 -26.03
N ILE A 71 -10.41 -10.37 -25.83
CA ILE A 71 -11.31 -10.68 -24.72
C ILE A 71 -11.87 -12.08 -24.86
N VAL A 72 -12.44 -12.36 -26.03
CA VAL A 72 -13.00 -13.66 -26.34
C VAL A 72 -11.96 -14.77 -26.12
N HIS A 73 -10.74 -14.54 -26.60
CA HIS A 73 -9.64 -15.48 -26.39
C HIS A 73 -9.46 -15.82 -24.90
N ARG A 74 -9.42 -14.80 -24.05
CA ARG A 74 -9.25 -15.02 -22.62
C ARG A 74 -10.45 -15.73 -22.03
N CYS A 75 -11.63 -15.29 -22.43
CA CYS A 75 -12.89 -15.88 -22.00
C CYS A 75 -12.93 -17.37 -22.30
N ARG A 76 -12.31 -17.77 -23.40
CA ARG A 76 -12.32 -19.16 -23.83
C ARG A 76 -11.37 -20.05 -23.04
N GLN A 77 -10.40 -19.45 -22.37
CA GLN A 77 -9.39 -20.22 -21.65
C GLN A 77 -9.57 -20.13 -20.14
N SER A 78 -10.53 -19.33 -19.69
CA SER A 78 -10.77 -19.13 -18.26
C SER A 78 -12.21 -18.69 -18.00
N ILE A 79 -12.96 -19.50 -17.25
CA ILE A 79 -14.33 -19.14 -16.94
C ILE A 79 -14.36 -18.06 -15.86
N ASN A 80 -13.33 -18.05 -15.03
CA ASN A 80 -13.16 -16.95 -14.08
C ASN A 80 -13.18 -15.64 -14.84
N PHE A 81 -12.28 -15.55 -15.82
CA PHE A 81 -12.21 -14.40 -16.69
C PHE A 81 -13.57 -14.16 -17.33
N SER A 82 -14.18 -15.22 -17.85
CA SER A 82 -15.50 -15.15 -18.46
C SER A 82 -16.48 -14.48 -17.50
N LEU A 83 -16.46 -14.95 -16.26
CA LEU A 83 -17.38 -14.49 -15.23
C LEU A 83 -17.24 -13.00 -14.97
N GLN A 84 -15.99 -12.59 -14.76
CA GLN A 84 -15.70 -11.21 -14.39
C GLN A 84 -16.08 -10.25 -15.52
N CYS A 85 -15.83 -10.68 -16.75
CA CYS A 85 -16.26 -9.96 -17.94
C CYS A 85 -17.76 -9.73 -17.99
N ALA A 86 -18.51 -10.82 -17.86
CA ALA A 86 -19.96 -10.75 -17.97
C ALA A 86 -20.54 -9.81 -16.94
N LEU A 87 -20.05 -9.92 -15.71
CA LEU A 87 -20.51 -9.06 -14.62
C LEU A 87 -20.19 -7.59 -14.90
N LEU A 88 -18.97 -7.33 -15.34
CA LEU A 88 -18.54 -5.97 -15.68
C LEU A 88 -19.29 -5.41 -16.89
N LEU A 89 -19.42 -6.23 -17.93
CA LEU A 89 -20.18 -5.85 -19.12
C LEU A 89 -21.56 -5.33 -18.78
N GLY A 90 -22.27 -6.05 -17.92
CA GLY A 90 -23.62 -5.70 -17.51
C GLY A 90 -23.69 -4.44 -16.67
N ALA A 91 -22.85 -4.37 -15.65
CA ALA A 91 -22.85 -3.24 -14.72
C ALA A 91 -22.61 -1.89 -15.40
N TYR A 92 -21.73 -1.88 -16.40
CA TYR A 92 -21.32 -0.63 -17.03
C TYR A 92 -22.17 -0.18 -18.23
N SER A 93 -23.40 -0.68 -18.32
CA SER A 93 -24.31 -0.23 -19.35
C SER A 93 -25.75 -0.14 -18.86
N SER A 94 -26.17 1.06 -18.46
CA SER A 94 -27.53 1.31 -18.00
C SER A 94 -27.94 2.76 -18.18
N ARG A 105 -24.44 -2.32 -27.49
CA ARG A 105 -23.02 -2.60 -27.69
C ARG A 105 -22.50 -3.60 -26.66
N GLY A 106 -22.79 -3.32 -25.40
CA GLY A 106 -22.42 -4.20 -24.31
C GLY A 106 -23.20 -5.50 -24.38
N THR A 107 -24.51 -5.37 -24.55
CA THR A 107 -25.45 -6.46 -24.37
C THR A 107 -25.16 -7.64 -25.31
N LYS A 108 -24.87 -7.33 -26.57
CA LYS A 108 -24.56 -8.34 -27.57
C LYS A 108 -23.46 -9.30 -27.12
N LEU A 109 -22.41 -8.75 -26.53
CA LEU A 109 -21.25 -9.53 -26.14
C LEU A 109 -21.44 -10.29 -24.82
N ARG A 110 -22.13 -9.65 -23.87
CA ARG A 110 -22.44 -10.28 -22.59
C ARG A 110 -23.19 -11.59 -22.75
N LYS A 111 -24.28 -11.56 -23.51
CA LYS A 111 -25.07 -12.76 -23.78
C LYS A 111 -24.24 -13.86 -24.44
N LEU A 112 -23.34 -13.47 -25.34
CA LEU A 112 -22.49 -14.44 -26.02
C LEU A 112 -21.53 -15.11 -25.05
N ILE A 113 -21.05 -14.36 -24.06
CA ILE A 113 -20.14 -14.90 -23.06
C ILE A 113 -20.86 -15.82 -22.08
N LEU A 114 -22.02 -15.37 -21.61
CA LEU A 114 -22.86 -16.18 -20.73
C LEU A 114 -23.29 -17.47 -21.44
N SER A 115 -23.46 -17.39 -22.75
CA SER A 115 -23.68 -18.56 -23.58
C SER A 115 -22.39 -19.37 -23.73
N ARG A 194 -22.96 -24.18 -17.98
CA ARG A 194 -21.68 -23.50 -18.24
C ARG A 194 -21.16 -22.64 -17.09
N LEU A 195 -21.92 -21.60 -16.75
CA LEU A 195 -21.65 -20.83 -15.53
C LEU A 195 -22.83 -20.89 -14.59
N ALA A 196 -23.83 -21.71 -14.91
CA ALA A 196 -25.09 -21.72 -14.16
C ALA A 196 -24.86 -21.97 -12.67
N PRO A 197 -24.00 -22.95 -12.31
CA PRO A 197 -23.70 -23.23 -10.91
C PRO A 197 -23.23 -21.98 -10.17
N GLU A 198 -22.28 -21.26 -10.77
CA GLU A 198 -21.74 -20.05 -10.17
C GLU A 198 -22.77 -18.93 -10.08
N ARG A 199 -23.50 -18.70 -11.16
CA ARG A 199 -24.48 -17.62 -11.19
C ARG A 199 -25.60 -17.83 -10.16
N GLU A 200 -25.92 -19.09 -9.89
CA GLU A 200 -26.93 -19.41 -8.88
C GLU A 200 -26.33 -19.25 -7.49
N PHE A 201 -25.09 -19.68 -7.34
CA PHE A 201 -24.33 -19.46 -6.13
C PHE A 201 -24.31 -17.99 -5.75
N ILE A 202 -24.06 -17.14 -6.75
CA ILE A 202 -23.96 -15.68 -6.56
C ILE A 202 -25.35 -15.10 -6.34
N LYS A 203 -26.30 -15.58 -7.13
CA LYS A 203 -27.70 -15.17 -6.99
C LYS A 203 -28.25 -15.40 -5.59
N SER A 204 -27.94 -16.57 -5.02
CA SER A 204 -28.43 -16.93 -3.70
C SER A 204 -27.87 -15.99 -2.63
N LEU A 205 -26.56 -15.76 -2.69
CA LEU A 205 -25.90 -14.82 -1.79
C LEU A 205 -26.56 -13.46 -1.83
N MET A 206 -26.84 -12.97 -3.03
CA MET A 206 -27.53 -11.69 -3.19
C MET A 206 -28.94 -11.77 -2.63
N ALA A 207 -29.61 -12.88 -2.91
CA ALA A 207 -31.00 -13.08 -2.48
C ALA A 207 -31.12 -13.06 -0.97
N ILE A 208 -30.24 -13.81 -0.31
CA ILE A 208 -30.13 -13.81 1.14
C ILE A 208 -30.12 -12.41 1.73
N GLY A 209 -29.16 -11.60 1.28
CA GLY A 209 -28.99 -10.25 1.80
C GLY A 209 -30.25 -9.40 1.72
N LYS A 210 -30.99 -9.53 0.63
CA LYS A 210 -32.19 -8.73 0.41
C LYS A 210 -33.29 -9.10 1.40
N ARG A 211 -33.33 -10.36 1.83
CA ARG A 211 -34.36 -10.82 2.76
C ARG A 211 -34.19 -10.24 4.16
N LEU A 212 -32.94 -10.11 4.60
CA LEU A 212 -32.62 -9.59 5.94
C LEU A 212 -33.14 -8.18 6.18
N ALA A 213 -33.60 -7.52 5.11
CA ALA A 213 -34.11 -6.17 5.20
C ALA A 213 -35.33 -6.05 6.13
N THR A 214 -36.11 -7.11 6.21
CA THR A 214 -37.30 -7.15 7.07
C THR A 214 -37.01 -7.30 8.56
N LEU A 215 -35.77 -7.62 8.91
CA LEU A 215 -35.36 -7.74 10.30
C LEU A 215 -34.63 -6.48 10.73
N PRO A 216 -35.28 -5.67 11.58
CA PRO A 216 -34.87 -4.29 11.89
C PRO A 216 -33.67 -4.15 12.83
N THR A 217 -33.20 -5.24 13.43
CA THR A 217 -32.01 -5.13 14.28
C THR A 217 -30.86 -5.98 13.76
N LYS A 218 -29.65 -5.49 13.99
CA LYS A 218 -28.41 -6.17 13.62
C LYS A 218 -28.33 -7.66 13.91
N GLU A 219 -28.42 -8.00 15.19
CA GLU A 219 -28.34 -9.38 15.66
C GLU A 219 -29.51 -10.33 15.24
N GLN A 220 -30.67 -9.72 14.99
CA GLN A 220 -31.82 -10.47 14.49
C GLN A 220 -31.42 -10.93 13.09
N LYS A 221 -30.81 -10.02 12.34
CA LYS A 221 -30.34 -10.30 10.98
C LYS A 221 -29.35 -11.45 10.99
N THR A 222 -28.35 -11.34 11.87
CA THR A 222 -27.31 -12.34 12.04
C THR A 222 -27.84 -13.76 12.19
N GLN A 223 -28.84 -13.94 13.04
CA GLN A 223 -29.44 -15.25 13.23
C GLN A 223 -30.15 -15.81 11.99
N ARG A 224 -30.78 -14.96 11.19
CA ARG A 224 -31.44 -15.48 9.99
C ARG A 224 -30.38 -15.88 8.99
N LEU A 225 -29.31 -15.09 8.96
CA LEU A 225 -28.19 -15.33 8.07
C LEU A 225 -27.55 -16.69 8.36
N ILE A 226 -27.17 -16.88 9.63
CA ILE A 226 -26.50 -18.10 10.06
C ILE A 226 -27.34 -19.30 9.68
N SER A 227 -28.63 -19.23 9.99
CA SER A 227 -29.55 -20.30 9.64
C SER A 227 -29.51 -20.52 8.14
N GLU A 228 -29.68 -19.44 7.39
CA GLU A 228 -29.83 -19.51 5.94
C GLU A 228 -28.54 -19.91 5.21
N LEU A 229 -27.39 -19.54 5.76
CA LEU A 229 -26.11 -19.98 5.23
C LEU A 229 -26.02 -21.48 5.34
N SER A 230 -26.61 -22.04 6.41
CA SER A 230 -26.58 -23.48 6.60
C SER A 230 -27.30 -24.16 5.44
N LEU A 231 -28.29 -23.50 4.86
CA LEU A 231 -29.00 -24.06 3.70
C LEU A 231 -28.10 -24.13 2.48
N LEU A 232 -27.13 -23.22 2.43
CA LEU A 232 -26.17 -23.21 1.33
C LEU A 232 -25.36 -24.50 1.36
N ASN A 233 -24.99 -24.90 2.57
CA ASN A 233 -24.13 -26.06 2.81
C ASN A 233 -24.79 -27.33 2.27
N HIS A 234 -26.13 -27.33 2.26
CA HIS A 234 -26.88 -28.48 1.76
C HIS A 234 -26.52 -28.67 0.29
N LYS A 235 -26.24 -27.59 -0.40
CA LYS A 235 -25.69 -27.67 -1.75
C LYS A 235 -24.25 -28.14 -1.62
N LEU A 236 -23.88 -29.12 -2.41
CA LEU A 236 -22.69 -29.90 -2.06
C LEU A 236 -21.53 -28.97 -2.37
N PRO A 237 -20.28 -29.44 -2.22
CA PRO A 237 -19.29 -28.51 -2.77
C PRO A 237 -19.50 -28.39 -4.27
N ALA A 238 -19.62 -27.16 -4.74
CA ALA A 238 -20.26 -26.92 -6.02
C ALA A 238 -19.21 -26.47 -7.03
N ARG A 239 -19.67 -26.31 -8.27
CA ARG A 239 -18.75 -25.98 -9.36
C ARG A 239 -18.72 -24.46 -9.31
N VAL A 240 -18.57 -23.95 -8.09
CA VAL A 240 -18.35 -22.53 -7.87
C VAL A 240 -17.20 -22.11 -6.96
N TRP A 241 -16.77 -20.86 -7.16
CA TRP A 241 -15.53 -20.33 -6.63
C TRP A 241 -15.75 -18.88 -6.21
N LEU A 242 -14.81 -18.31 -5.47
CA LEU A 242 -14.85 -16.91 -5.13
C LEU A 242 -13.88 -16.17 -6.03
N PRO A 243 -14.40 -15.44 -7.02
CA PRO A 243 -13.57 -14.64 -7.93
C PRO A 243 -12.61 -13.71 -7.19
N THR A 244 -12.99 -13.35 -5.97
CA THR A 244 -12.18 -12.49 -5.12
C THR A 244 -10.94 -13.19 -4.56
N ALA A 245 -10.82 -14.49 -4.82
CA ALA A 245 -9.69 -15.26 -4.30
C ALA A 245 -8.47 -15.12 -5.21
N GLY A 246 -7.30 -15.00 -4.59
CA GLY A 246 -6.05 -14.90 -5.32
C GLY A 246 -5.77 -16.04 -6.29
N PHE A 247 -6.50 -17.14 -6.13
CA PHE A 247 -6.16 -18.39 -6.79
C PHE A 247 -7.38 -19.14 -7.29
N ASP A 248 -7.15 -20.25 -7.99
CA ASP A 248 -8.24 -21.10 -8.45
C ASP A 248 -8.60 -22.09 -7.34
N HIS A 249 -9.87 -22.44 -7.23
CA HIS A 249 -10.33 -23.29 -6.14
C HIS A 249 -11.78 -23.76 -6.35
N HIS A 250 -12.21 -24.69 -5.50
CA HIS A 250 -13.63 -25.03 -5.39
C HIS A 250 -14.11 -24.71 -3.99
N VAL A 251 -15.30 -24.13 -3.88
CA VAL A 251 -15.93 -23.95 -2.58
C VAL A 251 -16.56 -25.25 -2.11
N VAL A 252 -16.23 -25.66 -0.89
CA VAL A 252 -16.70 -26.93 -0.36
C VAL A 252 -17.72 -26.74 0.76
N ARG A 253 -17.51 -25.72 1.58
CA ARG A 253 -18.26 -25.56 2.83
C ARG A 253 -18.30 -24.12 3.32
N VAL A 254 -19.44 -23.76 3.89
CA VAL A 254 -19.61 -22.46 4.53
C VAL A 254 -19.84 -22.62 6.03
N PRO A 255 -18.85 -22.22 6.84
CA PRO A 255 -18.98 -22.25 8.31
C PRO A 255 -19.96 -21.18 8.80
N HIS A 256 -21.24 -21.44 8.56
CA HIS A 256 -22.34 -20.51 8.81
C HIS A 256 -22.36 -19.87 10.20
N THR A 257 -22.00 -20.64 11.22
CA THR A 257 -22.01 -20.13 12.59
C THR A 257 -21.08 -18.92 12.80
N GLN A 258 -20.09 -18.77 11.92
CA GLN A 258 -19.09 -17.72 12.04
C GLN A 258 -19.47 -16.40 11.35
N ALA A 259 -20.46 -16.47 10.45
CA ALA A 259 -20.88 -15.29 9.71
C ALA A 259 -21.54 -14.23 10.58
N VAL A 260 -21.36 -12.97 10.19
CA VAL A 260 -21.88 -11.83 10.95
C VAL A 260 -22.34 -10.67 10.07
N VAL A 261 -23.34 -9.92 10.53
CA VAL A 261 -23.84 -8.78 9.79
C VAL A 261 -23.24 -7.50 10.36
N LEU A 262 -22.90 -6.56 9.48
CA LEU A 262 -22.02 -5.46 9.85
C LEU A 262 -22.75 -4.19 10.28
N ASN A 263 -23.99 -4.02 9.85
CA ASN A 263 -24.80 -2.92 10.39
C ASN A 263 -26.31 -3.22 10.37
N SER A 264 -27.09 -2.29 10.91
CA SER A 264 -28.52 -2.46 11.02
C SER A 264 -29.33 -1.86 9.87
N LYS A 265 -28.63 -1.41 8.82
CA LYS A 265 -29.30 -0.73 7.71
C LYS A 265 -30.21 -1.62 6.87
N ASP A 266 -31.03 -0.96 6.06
CA ASP A 266 -32.06 -1.60 5.26
C ASP A 266 -31.47 -2.69 4.37
N LYS A 267 -30.41 -2.33 3.65
CA LYS A 267 -29.68 -3.28 2.81
C LYS A 267 -28.28 -3.48 3.35
N ALA A 268 -28.22 -4.03 4.56
CA ALA A 268 -26.99 -4.20 5.31
C ALA A 268 -26.03 -5.17 4.63
N PRO A 269 -24.72 -4.84 4.65
CA PRO A 269 -23.74 -5.80 4.14
C PRO A 269 -23.45 -6.86 5.19
N TYR A 270 -22.98 -8.03 4.76
CA TYR A 270 -22.70 -9.09 5.71
C TYR A 270 -21.44 -9.87 5.37
N LEU A 271 -20.71 -10.27 6.40
CA LEU A 271 -19.43 -10.93 6.25
C LEU A 271 -19.59 -12.44 6.40
N ILE A 272 -18.97 -13.20 5.52
CA ILE A 272 -19.02 -14.65 5.64
C ILE A 272 -17.65 -15.27 5.44
N TYR A 273 -17.45 -16.43 6.07
CA TYR A 273 -16.25 -17.23 5.84
C TYR A 273 -16.56 -18.42 4.94
N VAL A 274 -15.65 -18.74 4.04
CA VAL A 274 -15.88 -19.81 3.08
C VAL A 274 -14.72 -20.80 3.05
N GLU A 275 -15.05 -22.08 2.99
CA GLU A 275 -14.02 -23.11 2.90
C GLU A 275 -13.86 -23.52 1.45
N VAL A 276 -12.61 -23.74 1.05
CA VAL A 276 -12.31 -24.08 -0.33
C VAL A 276 -11.21 -25.11 -0.42
N LEU A 277 -11.20 -25.86 -1.52
CA LEU A 277 -10.09 -26.73 -1.84
C LEU A 277 -9.37 -26.17 -3.05
N GLU A 278 -8.10 -25.84 -2.87
CA GLU A 278 -7.30 -25.18 -3.88
C GLU A 278 -7.17 -26.01 -5.16
N CYS A 279 -7.11 -25.34 -6.29
CA CYS A 279 -6.85 -26.02 -7.57
C CYS A 279 -5.51 -25.65 -8.16
N GLU A 280 -5.04 -26.43 -9.13
CA GLU A 280 -3.99 -25.99 -10.03
C GLU A 280 -4.57 -25.31 -11.27
N ASN A 281 -5.70 -25.82 -11.73
CA ASN A 281 -6.55 -25.12 -12.69
C ASN A 281 -8.00 -25.54 -12.50
N PHE A 282 -8.88 -24.55 -12.36
CA PHE A 282 -10.30 -24.82 -12.17
C PHE A 282 -10.92 -25.50 -13.39
N ASP A 283 -10.45 -25.13 -14.58
CA ASP A 283 -11.14 -25.46 -15.81
C ASP A 283 -11.02 -26.94 -16.17
N THR A 284 -10.09 -27.64 -15.52
CA THR A 284 -9.79 -29.02 -15.87
C THR A 284 -9.98 -30.00 -14.72
N THR A 285 -10.59 -29.56 -13.63
CA THR A 285 -10.52 -30.32 -12.39
C THR A 285 -11.88 -30.70 -11.81
N SER A 286 -12.00 -31.96 -11.40
CA SER A 286 -13.23 -32.53 -10.89
C SER A 286 -13.68 -31.85 -9.60
N VAL A 287 -14.97 -31.60 -9.46
CA VAL A 287 -15.49 -31.02 -8.22
C VAL A 287 -15.22 -32.02 -7.11
N PRO A 288 -14.75 -31.52 -5.95
CA PRO A 288 -14.43 -32.47 -4.88
C PRO A 288 -15.66 -33.21 -4.40
N ALA A 289 -15.45 -34.26 -3.61
CA ALA A 289 -16.55 -35.08 -3.15
C ALA A 289 -17.02 -34.57 -1.79
N ARG A 290 -18.30 -34.70 -1.52
CA ARG A 290 -18.83 -34.25 -0.24
C ARG A 290 -18.20 -35.03 0.89
N ILE A 291 -17.98 -34.34 2.01
CA ILE A 291 -17.54 -35.00 3.22
C ILE A 291 -18.51 -34.66 4.34
N PRO A 292 -19.14 -35.68 4.92
CA PRO A 292 -20.39 -35.44 5.63
C PRO A 292 -20.12 -34.68 6.92
N GLU A 293 -20.86 -33.61 7.15
CA GLU A 293 -20.79 -32.91 8.43
C GLU A 293 -21.26 -33.80 9.59
N ASN A 294 -21.05 -33.31 10.81
CA ASN A 294 -21.84 -33.76 11.95
C ASN A 294 -22.44 -32.58 12.72
N VAL A 304 -19.01 -21.93 17.77
CA VAL A 304 -19.13 -20.68 18.51
C VAL A 304 -18.29 -19.57 17.89
N ALA A 305 -18.86 -18.36 17.85
CA ALA A 305 -18.23 -17.23 17.20
C ALA A 305 -17.85 -16.13 18.21
N LEU A 306 -16.59 -15.76 18.24
CA LEU A 306 -16.15 -14.64 19.08
C LEU A 306 -15.01 -13.82 18.47
N LYS A 307 -14.79 -12.64 19.04
CA LYS A 307 -13.69 -11.75 18.68
C LYS A 307 -12.33 -12.39 18.88
N GLU A 308 -11.66 -12.70 17.78
CA GLU A 308 -10.34 -13.35 17.84
C GLU A 308 -9.51 -13.04 16.60
N PRO A 309 -8.17 -13.05 16.76
CA PRO A 309 -7.22 -12.90 15.66
C PRO A 309 -7.52 -13.88 14.53
N TRP A 310 -6.96 -13.61 13.35
CA TRP A 310 -7.31 -14.37 12.17
C TRP A 310 -6.85 -15.82 12.25
N GLN A 311 -5.61 -16.02 12.71
CA GLN A 311 -5.05 -17.36 12.75
C GLN A 311 -5.74 -18.23 13.80
N GLU A 312 -6.23 -17.60 14.87
CA GLU A 312 -7.01 -18.33 15.86
C GLU A 312 -8.35 -18.75 15.29
N LYS A 313 -8.89 -17.95 14.37
CA LYS A 313 -10.17 -18.26 13.76
C LYS A 313 -10.05 -19.39 12.75
N VAL A 314 -8.91 -19.44 12.08
CA VAL A 314 -8.66 -20.53 11.14
C VAL A 314 -8.55 -21.87 11.86
N ARG A 315 -7.80 -21.89 12.95
CA ARG A 315 -7.69 -23.09 13.79
C ARG A 315 -9.07 -23.63 14.14
N ARG A 316 -9.87 -22.78 14.78
CA ARG A 316 -11.19 -23.16 15.27
C ARG A 316 -12.12 -23.66 14.15
N ILE A 317 -12.13 -22.96 13.01
CA ILE A 317 -13.01 -23.33 11.89
C ILE A 317 -12.48 -24.62 11.28
N ARG A 318 -11.16 -24.72 11.14
CA ARG A 318 -10.54 -25.90 10.56
C ARG A 318 -10.81 -27.16 11.31
N GLU A 319 -10.51 -27.10 12.58
CA GLU A 319 -10.65 -28.22 13.48
C GLU A 319 -12.07 -28.79 13.47
N GLY A 320 -13.05 -27.92 13.35
CA GLY A 320 -14.44 -28.33 13.25
C GLY A 320 -14.88 -28.84 11.89
N SER A 321 -14.11 -28.52 10.84
CA SER A 321 -14.56 -28.78 9.48
C SER A 321 -14.24 -30.21 9.02
N PRO A 322 -15.21 -30.84 8.34
CA PRO A 322 -15.03 -32.12 7.64
C PRO A 322 -13.80 -32.14 6.75
N TYR A 323 -13.58 -31.07 5.98
CA TYR A 323 -12.52 -31.05 4.97
C TYR A 323 -11.19 -30.58 5.57
N GLY A 324 -11.22 -30.19 6.84
CA GLY A 324 -10.10 -29.50 7.46
C GLY A 324 -8.80 -30.28 7.48
N HIS A 325 -8.91 -31.61 7.51
CA HIS A 325 -7.73 -32.48 7.53
C HIS A 325 -6.89 -32.36 6.25
N LEU A 326 -7.54 -32.09 5.13
CA LEU A 326 -6.84 -32.03 3.85
C LEU A 326 -5.84 -30.88 3.79
N PRO A 327 -4.70 -31.10 3.12
CA PRO A 327 -3.69 -30.05 2.96
C PRO A 327 -4.17 -29.05 1.92
N ASN A 328 -5.11 -29.52 1.11
CA ASN A 328 -5.70 -28.75 0.03
C ASN A 328 -6.59 -27.62 0.54
N TRP A 329 -6.83 -27.61 1.85
CA TRP A 329 -7.94 -26.85 2.43
C TRP A 329 -7.46 -25.46 2.84
N ARG A 330 -8.25 -24.45 2.48
CA ARG A 330 -7.96 -23.08 2.88
C ARG A 330 -9.23 -22.31 3.20
N LEU A 331 -9.10 -21.27 4.02
CA LEU A 331 -10.24 -20.46 4.43
C LEU A 331 -10.23 -19.08 3.79
N LEU A 332 -11.33 -18.72 3.14
CA LEU A 332 -11.47 -17.40 2.55
C LEU A 332 -12.55 -16.59 3.25
N SER A 333 -12.70 -15.32 2.85
CA SER A 333 -13.69 -14.44 3.46
C SER A 333 -14.13 -13.39 2.43
N VAL A 334 -15.42 -13.08 2.40
CA VAL A 334 -15.90 -11.98 1.58
C VAL A 334 -17.05 -11.23 2.27
N ILE A 335 -17.11 -9.93 2.02
CA ILE A 335 -18.26 -9.12 2.43
C ILE A 335 -19.24 -9.07 1.28
N VAL A 336 -20.52 -9.31 1.57
CA VAL A 336 -21.52 -9.30 0.51
C VAL A 336 -22.41 -8.07 0.58
N LYS A 337 -22.35 -7.24 -0.46
CA LYS A 337 -23.19 -6.05 -0.54
C LYS A 337 -24.23 -6.24 -1.63
N CYS A 338 -25.47 -6.51 -1.24
CA CYS A 338 -26.52 -6.84 -2.20
C CYS A 338 -27.16 -5.62 -2.86
N GLY A 339 -27.17 -4.49 -2.15
CA GLY A 339 -27.80 -3.29 -2.63
C GLY A 339 -26.92 -2.06 -2.69
N ASP A 340 -25.61 -2.26 -2.73
CA ASP A 340 -24.70 -1.13 -2.77
C ASP A 340 -23.83 -1.17 -4.02
N ASP A 341 -23.68 -0.03 -4.69
CA ASP A 341 -22.86 0.06 -5.89
C ASP A 341 -21.38 -0.01 -5.52
N LEU A 342 -20.61 -0.78 -6.28
CA LEU A 342 -19.19 -0.94 -6.01
C LEU A 342 -18.31 -0.46 -7.16
N ARG A 343 -18.88 0.33 -8.06
CA ARG A 343 -18.14 0.71 -9.25
C ARG A 343 -17.15 1.83 -8.93
N GLN A 344 -17.56 2.76 -8.06
CA GLN A 344 -16.63 3.75 -7.54
C GLN A 344 -15.57 3.08 -6.69
N GLU A 345 -16.00 2.07 -5.95
CA GLU A 345 -15.13 1.35 -5.03
C GLU A 345 -14.02 0.64 -5.80
N LEU A 346 -14.38 0.04 -6.92
CA LEU A 346 -13.40 -0.58 -7.82
C LEU A 346 -12.40 0.43 -8.37
N LEU A 347 -12.91 1.58 -8.82
CA LEU A 347 -12.06 2.64 -9.36
C LEU A 347 -11.01 3.12 -8.37
N ALA A 348 -11.44 3.35 -7.14
CA ALA A 348 -10.55 3.82 -6.10
C ALA A 348 -9.47 2.77 -5.83
N PHE A 349 -9.89 1.50 -5.93
CA PHE A 349 -9.02 0.37 -5.69
C PHE A 349 -7.86 0.38 -6.66
N GLN A 350 -8.20 0.56 -7.93
CA GLN A 350 -7.22 0.64 -9.01
C GLN A 350 -6.25 1.79 -8.78
N VAL A 351 -6.79 2.94 -8.36
CA VAL A 351 -5.97 4.11 -8.10
C VAL A 351 -5.02 3.83 -6.94
N LEU A 352 -5.51 3.15 -5.92
CA LEU A 352 -4.71 2.83 -4.74
C LEU A 352 -3.59 1.87 -5.11
N LYS A 353 -3.90 0.92 -5.99
CA LYS A 353 -2.95 -0.09 -6.41
C LYS A 353 -1.81 0.50 -7.22
N GLN A 354 -2.16 1.42 -8.13
CA GLN A 354 -1.14 2.13 -8.90
C GLN A 354 -0.24 2.94 -7.97
N LEU A 355 -0.83 3.73 -7.08
CA LEU A 355 -0.08 4.58 -6.16
C LEU A 355 0.83 3.69 -5.31
N GLN A 356 0.34 2.50 -5.01
CA GLN A 356 1.09 1.55 -4.20
C GLN A 356 2.32 1.13 -5.01
N SER A 357 2.12 0.83 -6.28
CA SER A 357 3.21 0.48 -7.18
C SER A 357 4.18 1.64 -7.39
N ILE A 358 3.63 2.84 -7.59
CA ILE A 358 4.45 4.03 -7.75
C ILE A 358 5.38 4.23 -6.57
N TRP A 359 4.84 4.15 -5.36
CA TRP A 359 5.62 4.39 -4.15
C TRP A 359 6.58 3.24 -3.90
N GLU A 360 6.21 2.07 -4.41
CA GLU A 360 7.09 0.89 -4.37
C GLU A 360 8.24 1.05 -5.37
N GLN A 361 7.93 1.53 -6.56
CA GLN A 361 8.92 1.73 -7.62
C GLN A 361 9.98 2.76 -7.20
N GLU A 362 9.53 3.95 -6.84
CA GLU A 362 10.34 4.90 -6.07
C GLU A 362 10.57 4.28 -4.71
N ARG A 363 11.34 4.93 -3.85
CA ARG A 363 11.64 4.25 -2.59
C ARG A 363 11.15 5.06 -1.40
N VAL A 364 9.82 5.16 -1.34
CA VAL A 364 9.11 5.96 -0.35
C VAL A 364 8.34 4.98 0.52
N PRO A 365 8.65 4.94 1.82
CA PRO A 365 8.05 3.87 2.63
C PRO A 365 6.67 4.20 3.20
N LEU A 366 5.84 4.87 2.40
CA LEU A 366 4.41 4.98 2.71
C LEU A 366 3.77 3.60 2.72
N TRP A 367 2.65 3.48 3.41
CA TRP A 367 1.92 2.22 3.50
C TRP A 367 0.43 2.42 3.27
N ILE A 368 -0.14 1.63 2.37
CA ILE A 368 -1.59 1.61 2.20
C ILE A 368 -2.05 0.19 1.86
N LYS A 369 -3.35 -0.03 1.96
CA LYS A 369 -3.89 -1.36 1.75
C LYS A 369 -5.15 -1.30 0.89
N PRO A 370 -5.00 -1.58 -0.42
CA PRO A 370 -6.12 -1.82 -1.31
C PRO A 370 -6.82 -3.12 -0.95
N TYR A 371 -8.15 -3.11 -0.90
CA TYR A 371 -8.87 -4.35 -0.67
C TYR A 371 -9.64 -4.69 -1.93
N LYS A 372 -9.59 -5.96 -2.32
CA LYS A 372 -10.18 -6.40 -3.58
C LYS A 372 -11.68 -6.12 -3.66
N ILE A 373 -12.15 -5.83 -4.86
CA ILE A 373 -13.53 -5.47 -5.09
C ILE A 373 -14.08 -6.38 -6.19
N LEU A 374 -15.34 -6.78 -6.06
CA LEU A 374 -16.01 -7.52 -7.13
C LEU A 374 -17.36 -6.91 -7.50
N VAL A 375 -17.41 -6.31 -8.68
CA VAL A 375 -18.67 -5.79 -9.22
C VAL A 375 -19.52 -6.94 -9.75
N ILE A 376 -20.76 -7.00 -9.31
CA ILE A 376 -21.69 -8.04 -9.75
C ILE A 376 -22.81 -7.42 -10.57
N SER A 377 -23.28 -6.27 -10.12
CA SER A 377 -24.23 -5.46 -10.85
C SER A 377 -23.95 -4.00 -10.53
N ALA A 378 -24.72 -3.11 -11.14
CA ALA A 378 -24.64 -1.72 -10.74
C ALA A 378 -25.27 -1.63 -9.37
N ASP A 379 -26.15 -2.58 -9.10
CA ASP A 379 -26.74 -2.79 -7.79
C ASP A 379 -25.79 -3.39 -6.74
N SER A 380 -25.04 -4.42 -7.11
CA SER A 380 -24.47 -5.32 -6.12
C SER A 380 -23.04 -5.79 -6.35
N GLY A 381 -22.35 -6.11 -5.26
CA GLY A 381 -20.96 -6.52 -5.32
C GLY A 381 -20.49 -7.26 -4.06
N MET A 382 -19.26 -7.75 -4.10
CA MET A 382 -18.61 -8.33 -2.93
C MET A 382 -17.28 -7.62 -2.65
N ILE A 383 -16.83 -7.68 -1.41
CA ILE A 383 -15.52 -7.13 -1.04
C ILE A 383 -14.67 -8.15 -0.27
N GLU A 384 -13.41 -8.29 -0.63
CA GLU A 384 -12.49 -9.08 0.20
C GLU A 384 -11.99 -8.24 1.37
N PRO A 385 -12.34 -8.65 2.60
CA PRO A 385 -12.06 -7.83 3.78
C PRO A 385 -10.62 -7.99 4.27
N VAL A 386 -10.11 -6.95 4.93
CA VAL A 386 -8.86 -7.01 5.66
C VAL A 386 -9.07 -7.74 6.98
N VAL A 387 -8.26 -8.76 7.25
CA VAL A 387 -8.34 -9.43 8.55
C VAL A 387 -7.45 -8.80 9.63
N ASN A 388 -7.72 -9.16 10.88
CA ASN A 388 -7.01 -8.58 12.03
C ASN A 388 -7.12 -7.06 12.07
N ALA A 389 -8.32 -6.55 11.88
CA ALA A 389 -8.55 -5.11 11.93
C ALA A 389 -9.98 -4.79 12.37
N VAL A 390 -10.13 -3.71 13.13
CA VAL A 390 -11.45 -3.23 13.55
C VAL A 390 -11.48 -1.71 13.57
N SER A 391 -12.68 -1.14 13.41
CA SER A 391 -12.83 0.30 13.30
C SER A 391 -12.28 1.03 14.51
N ILE A 392 -11.72 2.21 14.28
CA ILE A 392 -11.23 3.05 15.36
C ILE A 392 -12.32 3.36 16.38
N HIS A 393 -13.52 3.65 15.87
CA HIS A 393 -14.63 4.08 16.72
C HIS A 393 -14.97 3.01 17.76
N GLN A 394 -15.03 1.75 17.30
CA GLN A 394 -15.40 0.63 18.17
C GLN A 394 -14.21 0.21 19.01
N VAL A 395 -13.01 0.40 18.47
CA VAL A 395 -11.79 0.23 19.25
C VAL A 395 -11.83 1.12 20.48
N LYS A 396 -12.46 2.28 20.35
CA LYS A 396 -12.58 3.22 21.47
C LYS A 396 -13.76 2.89 22.37
N LYS A 397 -14.74 2.16 21.84
CA LYS A 397 -15.92 1.79 22.62
C LYS A 397 -15.73 0.52 23.44
N GLN A 398 -14.98 -0.45 22.93
CA GLN A 398 -14.64 -1.63 23.72
C GLN A 398 -13.48 -1.37 24.69
N SER A 399 -12.48 -0.62 24.26
CA SER A 399 -11.34 -0.30 25.11
C SER A 399 -11.67 0.77 26.16
N GLN A 400 -12.53 1.71 25.79
CA GLN A 400 -12.77 2.91 26.59
C GLN A 400 -11.51 3.76 26.67
N LEU A 401 -10.56 3.51 25.78
CA LEU A 401 -9.30 4.24 25.80
C LEU A 401 -9.20 5.31 24.71
N SER A 402 -8.21 6.18 24.87
CA SER A 402 -7.75 7.05 23.80
C SER A 402 -6.84 6.26 22.87
N LEU A 403 -6.80 6.65 21.60
CA LEU A 403 -6.03 5.93 20.58
C LEU A 403 -4.60 5.62 21.00
N LEU A 404 -3.90 6.62 21.55
CA LEU A 404 -2.55 6.42 22.05
C LEU A 404 -2.48 5.36 23.15
N ASP A 405 -3.37 5.48 24.11
CA ASP A 405 -3.46 4.53 25.21
C ASP A 405 -3.65 3.08 24.74
N TYR A 406 -4.49 2.89 23.74
CA TYR A 406 -4.73 1.56 23.20
C TYR A 406 -3.48 0.96 22.58
N PHE A 407 -2.75 1.79 21.84
CA PHE A 407 -1.46 1.39 21.28
C PHE A 407 -0.52 0.90 22.37
N LEU A 408 -0.43 1.69 23.44
CA LEU A 408 0.42 1.37 24.56
C LEU A 408 0.00 0.08 25.26
N GLN A 409 -1.31 -0.11 25.42
CA GLN A 409 -1.85 -1.35 25.98
C GLN A 409 -1.54 -2.58 25.14
N GLU A 410 -1.78 -2.48 23.84
CA GLU A 410 -1.78 -3.64 22.95
C GLU A 410 -0.39 -4.00 22.45
N HIS A 411 0.53 -3.03 22.51
CA HIS A 411 1.86 -3.24 21.99
C HIS A 411 2.95 -3.07 23.05
N GLY A 412 2.82 -2.06 23.90
CA GLY A 412 3.75 -1.89 25.00
C GLY A 412 4.12 -0.45 25.29
N SER A 413 5.01 -0.27 26.26
CA SER A 413 5.47 1.07 26.64
C SER A 413 6.35 1.68 25.54
N TYR A 414 6.55 2.99 25.62
CA TYR A 414 7.38 3.71 24.65
C TYR A 414 8.79 3.13 24.48
N THR A 415 9.28 2.47 25.52
CA THR A 415 10.52 1.71 25.43
C THR A 415 10.46 0.32 24.75
N THR A 416 9.30 -0.11 24.29
CA THR A 416 9.23 -1.41 23.65
C THR A 416 9.37 -1.39 22.12
N GLU A 417 9.83 -2.51 21.57
CA GLU A 417 9.92 -2.67 20.12
C GLU A 417 8.54 -2.64 19.50
N ALA A 418 7.65 -3.47 20.04
CA ALA A 418 6.28 -3.60 19.56
C ALA A 418 5.58 -2.26 19.39
N PHE A 419 5.86 -1.32 20.28
CA PHE A 419 5.24 -0.01 20.18
C PHE A 419 5.85 0.82 19.04
N LEU A 420 7.18 0.89 19.02
CA LEU A 420 7.89 1.72 18.05
C LEU A 420 7.64 1.23 16.63
N SER A 421 7.55 -0.09 16.48
CA SER A 421 7.16 -0.68 15.22
C SER A 421 5.75 -0.26 14.83
N ALA A 422 4.83 -0.34 15.80
CA ALA A 422 3.45 0.04 15.58
C ALA A 422 3.32 1.52 15.30
N GLN A 423 4.10 2.34 16.00
CA GLN A 423 4.08 3.77 15.80
C GLN A 423 4.54 4.10 14.37
N ARG A 424 5.63 3.46 13.96
CA ARG A 424 6.17 3.64 12.61
C ARG A 424 5.15 3.27 11.55
N ASN A 425 4.54 2.11 11.73
CA ASN A 425 3.48 1.64 10.85
C ASN A 425 2.30 2.59 10.84
N PHE A 426 1.99 3.16 12.00
CA PHE A 426 0.94 4.19 12.07
C PHE A 426 1.29 5.37 11.18
N VAL A 427 2.47 5.93 11.41
CA VAL A 427 2.89 7.15 10.74
C VAL A 427 2.94 6.95 9.24
N GLN A 428 3.49 5.82 8.82
CA GLN A 428 3.58 5.50 7.40
C GLN A 428 2.23 5.27 6.75
N SER A 429 1.31 4.65 7.47
CA SER A 429 -0.02 4.42 6.94
C SER A 429 -0.84 5.70 6.92
N CYS A 430 -0.54 6.61 7.85
CA CYS A 430 -1.19 7.91 7.90
C CYS A 430 -0.82 8.78 6.71
N ALA A 431 0.47 8.85 6.41
CA ALA A 431 0.95 9.65 5.30
C ALA A 431 0.41 9.15 3.97
N GLY A 432 0.47 7.83 3.78
CA GLY A 432 -0.11 7.20 2.62
C GLY A 432 -1.56 7.59 2.38
N TYR A 433 -2.38 7.36 3.38
CA TYR A 433 -3.82 7.53 3.21
C TYR A 433 -4.20 9.00 3.18
N CYS A 434 -3.41 9.85 3.84
CA CYS A 434 -3.61 11.29 3.76
C CYS A 434 -3.48 11.69 2.28
N LEU A 435 -2.43 11.20 1.63
CA LEU A 435 -2.14 11.55 0.26
C LEU A 435 -3.23 11.04 -0.68
N VAL A 436 -3.66 9.82 -0.42
CA VAL A 436 -4.76 9.20 -1.17
C VAL A 436 -6.05 9.99 -1.02
N CYS A 437 -6.35 10.39 0.20
CA CYS A 437 -7.54 11.18 0.48
C CYS A 437 -7.50 12.49 -0.27
N TYR A 438 -6.34 13.13 -0.25
CA TYR A 438 -6.16 14.41 -0.92
C TYR A 438 -6.30 14.28 -2.44
N LEU A 439 -5.47 13.42 -3.02
CA LEU A 439 -5.49 13.21 -4.47
C LEU A 439 -6.87 12.83 -5.02
N LEU A 440 -7.53 11.90 -4.36
CA LEU A 440 -8.86 11.47 -4.79
C LEU A 440 -9.98 12.34 -4.20
N GLN A 441 -9.60 13.32 -3.40
CA GLN A 441 -10.56 14.14 -2.65
C GLN A 441 -11.62 13.27 -1.96
N VAL A 442 -11.15 12.38 -1.09
CA VAL A 442 -12.04 11.54 -0.31
C VAL A 442 -12.66 12.32 0.84
N LYS A 443 -13.98 12.20 0.98
CA LYS A 443 -14.70 12.92 2.01
C LYS A 443 -15.42 11.95 2.92
N ASP A 444 -16.25 12.47 3.82
CA ASP A 444 -16.96 11.62 4.79
C ASP A 444 -15.97 10.80 5.61
N ARG A 445 -14.94 11.47 6.11
CA ARG A 445 -13.89 10.77 6.85
C ARG A 445 -14.16 10.80 8.35
N HIS A 446 -14.36 9.63 8.92
CA HIS A 446 -14.58 9.48 10.37
C HIS A 446 -14.11 8.10 10.83
N ASN A 447 -14.18 7.87 12.14
CA ASN A 447 -13.57 6.68 12.73
C ASN A 447 -14.33 5.39 12.46
N GLY A 448 -15.55 5.52 11.95
CA GLY A 448 -16.26 4.40 11.38
C GLY A 448 -15.67 3.90 10.07
N ASN A 449 -14.95 4.78 9.37
CA ASN A 449 -14.35 4.44 8.08
C ASN A 449 -12.85 4.18 8.13
N ILE A 450 -12.26 4.16 9.32
CA ILE A 450 -10.84 3.87 9.45
C ILE A 450 -10.59 2.65 10.33
N LEU A 451 -9.92 1.64 9.75
CA LEU A 451 -9.60 0.42 10.48
C LEU A 451 -8.19 0.47 11.06
N LEU A 452 -8.00 -0.24 12.16
CA LEU A 452 -6.67 -0.41 12.75
C LEU A 452 -6.25 -1.87 12.78
N ASP A 453 -5.13 -2.20 12.15
CA ASP A 453 -4.65 -3.57 12.11
C ASP A 453 -3.74 -3.87 13.29
N ALA A 454 -3.43 -5.14 13.49
CA ALA A 454 -2.72 -5.58 14.69
C ALA A 454 -1.27 -5.11 14.73
N GLU A 455 -0.78 -4.59 13.60
CA GLU A 455 0.60 -4.10 13.55
C GLU A 455 0.66 -2.57 13.66
N GLY A 456 -0.48 -1.91 13.63
CA GLY A 456 -0.52 -0.47 13.82
C GLY A 456 -0.86 0.39 12.62
N HIS A 457 -1.00 -0.21 11.44
CA HIS A 457 -1.44 0.53 10.26
C HIS A 457 -2.91 0.91 10.36
N ILE A 458 -3.25 2.10 9.85
CA ILE A 458 -4.64 2.42 9.61
C ILE A 458 -5.04 2.08 8.17
N ILE A 459 -6.34 1.90 7.96
CA ILE A 459 -6.86 1.58 6.62
C ILE A 459 -8.21 2.24 6.37
N HIS A 460 -8.26 3.15 5.39
CA HIS A 460 -9.53 3.79 5.06
C HIS A 460 -10.37 2.82 4.24
N ILE A 461 -11.69 2.92 4.31
CA ILE A 461 -12.52 1.93 3.62
C ILE A 461 -13.72 2.45 2.80
N ASP A 462 -14.40 3.49 3.22
CA ASP A 462 -15.63 3.86 2.51
C ASP A 462 -15.36 4.98 1.49
N PHE A 463 -15.12 4.59 0.25
CA PHE A 463 -14.74 5.52 -0.82
C PHE A 463 -15.91 6.05 -1.65
N GLY A 464 -17.08 6.18 -1.03
CA GLY A 464 -18.08 7.11 -1.53
C GLY A 464 -17.59 8.52 -1.29
N PHE A 465 -18.13 9.47 -2.06
CA PHE A 465 -17.75 10.88 -1.91
C PHE A 465 -16.27 11.10 -2.24
N ILE A 466 -15.93 10.98 -3.52
CA ILE A 466 -14.58 11.28 -3.99
C ILE A 466 -14.62 12.11 -5.26
N LEU A 467 -13.53 12.82 -5.52
CA LEU A 467 -13.39 13.62 -6.74
C LEU A 467 -14.49 14.68 -6.82
N SER A 468 -15.22 14.70 -7.93
CA SER A 468 -16.24 15.72 -8.17
C SER A 468 -17.44 15.53 -7.24
N SER A 469 -17.58 14.32 -6.69
CA SER A 469 -18.72 13.99 -5.85
C SER A 469 -18.71 14.80 -4.55
N SER A 470 -19.85 15.42 -4.25
CA SER A 470 -19.98 16.19 -3.01
C SER A 470 -21.33 15.93 -2.34
N PHE A 481 -9.95 14.21 4.98
CA PHE A 481 -9.10 13.57 5.97
C PHE A 481 -8.80 14.50 7.14
N LYS A 482 -8.84 13.93 8.35
CA LYS A 482 -8.73 14.71 9.57
C LYS A 482 -7.49 14.29 10.33
N LEU A 483 -6.69 15.26 10.75
CA LEU A 483 -5.55 14.96 11.61
C LEU A 483 -5.82 15.41 13.03
N THR A 484 -6.61 14.63 13.76
CA THR A 484 -6.99 14.99 15.12
C THR A 484 -5.79 14.87 16.05
N THR A 485 -5.84 15.53 17.19
CA THR A 485 -4.73 15.53 18.12
C THR A 485 -4.54 14.12 18.71
N GLU A 486 -5.62 13.35 18.74
CA GLU A 486 -5.56 11.95 19.12
C GLU A 486 -4.62 11.17 18.21
N PHE A 487 -4.66 11.50 16.92
CA PHE A 487 -3.76 10.88 15.95
C PHE A 487 -2.34 11.43 16.12
N VAL A 488 -2.23 12.73 16.35
CA VAL A 488 -0.94 13.38 16.52
C VAL A 488 -0.24 12.89 17.79
N ASP A 489 -1.04 12.52 18.79
CA ASP A 489 -0.50 12.03 20.05
C ASP A 489 0.26 10.72 19.86
N VAL A 490 -0.36 9.80 19.11
CA VAL A 490 0.27 8.52 18.79
C VAL A 490 1.61 8.73 18.09
N MET A 491 1.70 9.82 17.33
CA MET A 491 2.91 10.15 16.58
C MET A 491 3.98 10.78 17.47
N GLY A 492 3.64 11.01 18.73
CA GLY A 492 4.57 11.61 19.67
C GLY A 492 4.52 13.12 19.75
N GLY A 493 3.54 13.73 19.09
CA GLY A 493 3.31 15.16 19.22
C GLY A 493 3.94 15.99 18.11
N LEU A 494 3.50 17.24 18.00
CA LEU A 494 3.85 18.09 16.87
C LEU A 494 5.35 18.38 16.78
N ASP A 495 6.02 18.44 17.93
CA ASP A 495 7.45 18.72 17.94
C ASP A 495 8.25 17.45 17.67
N GLY A 496 7.56 16.32 17.69
CA GLY A 496 8.19 15.02 17.57
C GLY A 496 8.91 14.79 16.26
N ASP A 497 9.96 13.97 16.32
CA ASP A 497 10.69 13.57 15.13
C ASP A 497 9.80 12.70 14.23
N MET A 498 9.05 11.80 14.84
CA MET A 498 8.18 10.91 14.09
C MET A 498 7.09 11.69 13.37
N PHE A 499 6.69 12.82 13.94
CA PHE A 499 5.69 13.67 13.30
C PHE A 499 6.29 14.42 12.12
N ASN A 500 7.47 15.00 12.33
CA ASN A 500 8.24 15.60 11.25
C ASN A 500 8.44 14.60 10.12
N TYR A 501 8.67 13.34 10.48
CA TYR A 501 8.89 12.28 9.52
C TYR A 501 7.64 12.03 8.71
N TYR A 502 6.49 12.12 9.38
CA TYR A 502 5.19 12.01 8.74
C TYR A 502 5.05 13.05 7.64
N LYS A 503 5.51 14.27 7.92
CA LYS A 503 5.50 15.34 6.94
C LYS A 503 6.50 15.05 5.83
N MET A 504 7.63 14.47 6.21
CA MET A 504 8.69 14.14 5.27
C MET A 504 8.20 13.09 4.26
N LEU A 505 7.44 12.12 4.74
CA LEU A 505 6.93 11.04 3.91
C LEU A 505 5.92 11.57 2.92
N MET A 506 5.09 12.50 3.37
CA MET A 506 4.04 13.06 2.53
C MET A 506 4.63 13.75 1.32
N LEU A 507 5.65 14.59 1.56
CA LEU A 507 6.38 15.26 0.51
C LEU A 507 7.02 14.25 -0.46
N GLN A 508 7.77 13.29 0.09
CA GLN A 508 8.39 12.24 -0.70
C GLN A 508 7.37 11.53 -1.58
N GLY A 509 6.23 11.16 -0.99
CA GLY A 509 5.20 10.43 -1.69
C GLY A 509 4.50 11.30 -2.72
N LEU A 510 4.54 12.60 -2.50
CA LEU A 510 3.93 13.55 -3.43
C LEU A 510 4.85 13.70 -4.64
N ILE A 511 6.15 13.85 -4.36
CA ILE A 511 7.16 13.96 -5.41
C ILE A 511 7.16 12.72 -6.29
N ALA A 512 6.93 11.56 -5.67
CA ALA A 512 6.89 10.29 -6.38
C ALA A 512 5.67 10.25 -7.30
N ALA A 513 4.52 10.66 -6.78
CA ALA A 513 3.27 10.62 -7.52
C ALA A 513 3.36 11.44 -8.80
N ARG A 514 3.93 12.64 -8.69
CA ARG A 514 4.11 13.50 -9.85
C ARG A 514 4.90 12.85 -10.98
N LYS A 515 5.92 12.07 -10.61
CA LYS A 515 6.77 11.39 -11.60
C LYS A 515 6.03 10.31 -12.39
N HIS A 516 4.82 9.97 -11.96
CA HIS A 516 4.06 8.90 -12.59
C HIS A 516 2.59 9.31 -12.69
N MET A 517 2.34 10.61 -12.65
CA MET A 517 0.98 11.17 -12.66
C MET A 517 0.09 10.57 -13.75
N ASP A 518 0.66 10.37 -14.93
CA ASP A 518 -0.12 9.97 -16.11
C ASP A 518 -0.74 8.58 -15.95
N LYS A 519 -0.02 7.67 -15.28
CA LYS A 519 -0.54 6.34 -15.00
C LYS A 519 -1.82 6.40 -14.17
N VAL A 520 -1.88 7.38 -13.26
CA VAL A 520 -3.00 7.53 -12.37
C VAL A 520 -4.19 8.17 -13.08
N VAL A 521 -3.97 9.32 -13.70
CA VAL A 521 -5.03 10.04 -14.38
C VAL A 521 -5.67 9.17 -15.45
N GLN A 522 -4.85 8.40 -16.15
CA GLN A 522 -5.33 7.46 -17.16
C GLN A 522 -6.46 6.59 -16.63
N ILE A 523 -6.23 6.00 -15.45
CA ILE A 523 -7.17 5.07 -14.85
C ILE A 523 -8.53 5.73 -14.64
N VAL A 524 -8.50 6.96 -14.15
CA VAL A 524 -9.70 7.69 -13.82
C VAL A 524 -10.37 8.20 -15.08
N GLU A 525 -9.56 8.72 -16.00
CA GLU A 525 -10.05 9.46 -17.15
C GLU A 525 -10.82 8.58 -18.11
N ILE A 526 -10.35 7.34 -18.29
CA ILE A 526 -11.05 6.37 -19.11
C ILE A 526 -12.39 6.01 -18.47
N MET A 527 -12.37 5.82 -17.16
CA MET A 527 -13.55 5.35 -16.45
C MET A 527 -14.68 6.36 -16.52
N GLN A 528 -14.29 7.64 -16.63
CA GLN A 528 -15.25 8.73 -16.67
C GLN A 528 -16.13 8.61 -17.91
N GLN A 529 -15.70 7.77 -18.85
CA GLN A 529 -16.31 7.65 -20.17
C GLN A 529 -17.80 7.36 -19.98
N GLY A 530 -18.64 8.15 -20.62
CA GLY A 530 -20.07 7.89 -20.66
C GLY A 530 -20.66 7.56 -19.30
N SER A 531 -20.14 8.20 -18.26
CA SER A 531 -20.29 7.71 -16.89
C SER A 531 -21.36 8.51 -16.16
N GLN A 532 -22.17 7.82 -15.34
CA GLN A 532 -23.15 8.50 -14.51
C GLN A 532 -22.83 8.38 -13.03
N LEU A 533 -21.59 8.00 -12.72
CA LEU A 533 -21.15 7.96 -11.34
C LEU A 533 -21.12 9.37 -10.78
N PRO A 534 -21.56 9.55 -9.53
CA PRO A 534 -21.65 10.87 -8.89
C PRO A 534 -20.30 11.58 -8.84
N CYS A 535 -19.22 10.79 -8.83
CA CYS A 535 -17.87 11.33 -8.76
C CYS A 535 -17.45 12.03 -10.05
N PHE A 536 -18.20 11.80 -11.12
CA PHE A 536 -17.96 12.47 -12.40
C PHE A 536 -18.99 13.55 -12.70
N HIS A 537 -19.68 14.00 -11.66
CA HIS A 537 -20.79 14.93 -11.82
C HIS A 537 -20.34 16.26 -12.42
N GLY A 538 -19.09 16.64 -12.15
CA GLY A 538 -18.60 17.95 -12.59
C GLY A 538 -18.29 17.98 -14.06
N SER A 539 -17.99 19.17 -14.57
CA SER A 539 -17.55 19.34 -15.95
C SER A 539 -16.04 19.12 -16.10
N SER A 540 -15.33 19.24 -14.98
CA SER A 540 -13.87 19.26 -15.01
C SER A 540 -13.28 18.31 -13.97
N THR A 541 -13.84 17.12 -13.91
CA THR A 541 -13.48 16.14 -12.89
C THR A 541 -12.02 15.76 -13.04
N ILE A 542 -11.66 15.32 -14.25
CA ILE A 542 -10.29 14.91 -14.54
C ILE A 542 -9.36 16.10 -14.54
N ARG A 543 -9.84 17.25 -14.99
CA ARG A 543 -9.02 18.46 -15.05
C ARG A 543 -8.63 18.93 -13.65
N ASN A 544 -9.57 18.87 -12.70
CA ASN A 544 -9.29 19.26 -11.32
C ASN A 544 -8.30 18.29 -10.70
N LEU A 545 -8.45 17.02 -11.04
CA LEU A 545 -7.55 15.98 -10.54
C LEU A 545 -6.10 16.28 -10.91
N LYS A 546 -5.88 16.70 -12.15
CA LYS A 546 -4.53 17.01 -12.62
C LYS A 546 -3.93 18.22 -11.89
N GLU A 547 -4.76 19.23 -11.66
CA GLU A 547 -4.33 20.42 -10.94
C GLU A 547 -3.83 20.07 -9.54
N ARG A 548 -4.41 19.03 -8.95
CA ARG A 548 -4.09 18.64 -7.58
C ARG A 548 -2.72 17.98 -7.47
N PHE A 549 -2.15 17.59 -8.61
CA PHE A 549 -0.77 17.12 -8.64
C PHE A 549 0.24 18.27 -8.63
N HIS A 550 -0.23 19.48 -8.92
CA HIS A 550 0.62 20.68 -8.97
C HIS A 550 1.91 20.46 -9.75
N MET A 551 1.79 19.96 -10.97
CA MET A 551 2.96 19.64 -11.77
C MET A 551 3.87 20.84 -12.03
N SER A 552 3.31 22.03 -12.01
CA SER A 552 4.10 23.24 -12.26
C SER A 552 4.97 23.63 -11.06
N MET A 553 4.62 23.17 -9.87
CA MET A 553 5.25 23.66 -8.65
C MET A 553 6.68 23.18 -8.47
N THR A 554 7.52 24.02 -7.89
CA THR A 554 8.85 23.62 -7.44
C THR A 554 8.75 22.93 -6.08
N GLU A 555 9.76 22.15 -5.72
CA GLU A 555 9.72 21.37 -4.48
C GLU A 555 9.59 22.24 -3.23
N GLU A 556 10.28 23.38 -3.21
CA GLU A 556 10.11 24.36 -2.14
C GLU A 556 8.66 24.77 -2.04
N GLN A 557 8.01 24.94 -3.19
CA GLN A 557 6.60 25.27 -3.24
C GLN A 557 5.78 24.12 -2.68
N LEU A 558 6.24 22.89 -2.90
CA LEU A 558 5.49 21.72 -2.48
C LEU A 558 5.62 21.52 -0.97
N GLN A 559 6.80 21.82 -0.42
CA GLN A 559 7.00 21.79 1.02
C GLN A 559 5.97 22.68 1.73
N LEU A 560 5.79 23.87 1.17
CA LEU A 560 4.82 24.81 1.71
C LEU A 560 3.41 24.26 1.59
N LEU A 561 3.12 23.66 0.44
CA LEU A 561 1.80 23.10 0.19
C LEU A 561 1.53 21.93 1.15
N VAL A 562 2.57 21.15 1.41
CA VAL A 562 2.48 20.05 2.37
C VAL A 562 2.21 20.61 3.76
N GLU A 563 2.92 21.69 4.10
CA GLU A 563 2.72 22.36 5.38
C GLU A 563 1.27 22.83 5.48
N GLN A 564 0.81 23.45 4.41
CA GLN A 564 -0.55 23.98 4.34
C GLN A 564 -1.59 22.86 4.48
N MET A 565 -1.33 21.76 3.78
CA MET A 565 -2.16 20.56 3.87
C MET A 565 -2.34 20.10 5.31
N VAL A 566 -1.21 20.04 6.03
CA VAL A 566 -1.23 19.54 7.38
C VAL A 566 -2.00 20.49 8.27
N ASP A 567 -1.68 21.78 8.14
CA ASP A 567 -2.41 22.84 8.83
C ASP A 567 -3.93 22.74 8.63
N GLY A 568 -4.35 22.48 7.39
CA GLY A 568 -5.76 22.30 7.08
C GLY A 568 -6.38 21.12 7.79
N SER A 569 -5.58 20.07 7.94
CA SER A 569 -6.06 18.80 8.46
C SER A 569 -6.32 18.89 9.96
N MET A 570 -5.78 19.93 10.57
CA MET A 570 -5.86 20.10 12.02
C MET A 570 -7.06 20.95 12.46
N ARG A 571 -7.48 21.88 11.61
CA ARG A 571 -8.59 22.77 11.94
C ARG A 571 -9.85 22.00 12.36
N SER A 572 -10.04 20.82 11.75
CA SER A 572 -11.20 19.93 11.93
C SER A 572 -12.23 20.19 10.83
N TYR B 13 13.95 -2.41 25.63
CA TYR B 13 14.93 -1.45 25.12
C TYR B 13 15.33 -0.48 26.23
N ASP B 14 16.52 -0.65 26.74
CA ASP B 14 17.05 0.11 27.87
C ASP B 14 17.18 1.59 27.44
N TYR B 15 18.15 1.82 26.54
CA TYR B 15 18.43 3.18 26.08
C TYR B 15 17.89 3.58 24.67
N LEU B 16 17.99 4.86 24.32
CA LEU B 16 17.64 5.32 22.98
C LEU B 16 18.64 6.37 22.44
N PHE B 17 19.48 5.96 21.48
CA PHE B 17 20.50 6.84 20.92
C PHE B 17 20.10 7.35 19.54
N LYS B 18 19.97 8.67 19.40
CA LYS B 18 19.64 9.24 18.10
C LYS B 18 20.90 9.64 17.34
N VAL B 19 21.09 9.08 16.15
CA VAL B 19 22.26 9.36 15.34
C VAL B 19 21.88 9.84 13.94
N VAL B 20 22.64 10.80 13.43
CA VAL B 20 22.41 11.35 12.09
C VAL B 20 23.54 10.99 11.13
N LEU B 21 23.19 10.81 9.87
CA LEU B 21 24.19 10.67 8.80
C LEU B 21 24.23 11.91 7.93
N ILE B 22 25.40 12.54 7.85
CA ILE B 22 25.57 13.71 6.99
C ILE B 22 26.76 13.58 6.04
N GLY B 23 26.75 14.35 4.96
CA GLY B 23 27.84 14.34 4.00
C GLY B 23 27.42 14.79 2.61
N ASP B 24 28.41 14.97 1.75
CA ASP B 24 28.18 15.37 0.37
C ASP B 24 27.36 14.32 -0.38
N SER B 25 26.69 14.75 -1.44
CA SER B 25 25.90 13.82 -2.25
C SER B 25 26.78 12.82 -2.98
N GLY B 26 26.46 11.54 -2.85
CA GLY B 26 27.17 10.49 -3.55
C GLY B 26 28.12 9.67 -2.69
N VAL B 27 28.38 10.12 -1.47
CA VAL B 27 29.41 9.48 -0.65
C VAL B 27 29.00 8.12 -0.10
N GLY B 28 27.69 7.86 -0.03
CA GLY B 28 27.22 6.53 0.33
C GLY B 28 26.42 6.50 1.62
N LYS B 29 25.93 7.66 2.06
CA LYS B 29 25.20 7.74 3.31
C LYS B 29 24.00 6.79 3.29
N SER B 30 23.24 6.82 2.20
CA SER B 30 22.00 6.06 2.12
C SER B 30 22.24 4.55 2.08
N ASN B 31 23.37 4.14 1.50
CA ASN B 31 23.74 2.73 1.44
C ASN B 31 24.41 2.22 2.71
N LEU B 32 25.15 3.10 3.38
CA LEU B 32 25.62 2.84 4.74
C LEU B 32 24.48 2.44 5.67
N LEU B 33 23.41 3.22 5.63
CA LEU B 33 22.22 2.98 6.43
C LEU B 33 21.53 1.65 6.11
N SER B 34 21.43 1.33 4.83
CA SER B 34 20.72 0.12 4.40
C SER B 34 21.54 -1.13 4.67
N ARG B 35 22.86 -1.03 4.56
CA ARG B 35 23.75 -2.14 4.89
C ARG B 35 23.68 -2.47 6.37
N PHE B 36 23.92 -1.45 7.18
CA PHE B 36 23.98 -1.60 8.63
C PHE B 36 22.66 -2.01 9.28
N THR B 37 21.54 -1.55 8.74
CA THR B 37 20.27 -1.81 9.37
C THR B 37 19.38 -2.86 8.72
N ARG B 38 19.47 -3.02 7.41
CA ARG B 38 18.75 -4.10 6.74
C ARG B 38 19.67 -5.03 5.94
N ASN B 39 20.98 -4.79 5.99
CA ASN B 39 21.94 -5.61 5.24
C ASN B 39 21.61 -5.69 3.75
N GLU B 40 21.40 -4.52 3.17
CA GLU B 40 21.07 -4.41 1.74
C GLU B 40 21.92 -3.30 1.15
N PHE B 41 22.24 -3.45 -0.13
CA PHE B 41 23.04 -2.49 -0.87
C PHE B 41 22.49 -2.38 -2.27
N ASN B 42 22.71 -1.25 -2.92
CA ASN B 42 22.35 -1.12 -4.32
C ASN B 42 23.27 -0.15 -5.07
N LEU B 43 23.72 -0.57 -6.25
CA LEU B 43 24.52 0.28 -7.13
C LEU B 43 23.66 1.39 -7.70
N GLU B 44 22.45 1.05 -8.11
CA GLU B 44 21.50 2.03 -8.60
C GLU B 44 20.98 2.80 -7.41
N SER B 45 20.81 4.10 -7.56
CA SER B 45 20.55 4.95 -6.41
C SER B 45 19.46 5.97 -6.66
N LYS B 46 18.70 6.27 -5.61
CA LYS B 46 17.77 7.38 -5.63
C LYS B 46 18.28 8.41 -4.65
N SER B 47 18.43 9.65 -5.12
CA SER B 47 18.87 10.74 -4.26
C SER B 47 17.90 10.89 -3.09
N THR B 48 18.44 11.01 -1.88
CA THR B 48 17.60 11.09 -0.70
C THR B 48 16.86 12.42 -0.66
N ILE B 49 15.54 12.37 -0.64
CA ILE B 49 14.73 13.57 -0.61
C ILE B 49 14.38 13.91 0.84
N GLY B 50 15.10 14.87 1.40
CA GLY B 50 14.85 15.31 2.76
C GLY B 50 15.48 14.45 3.83
N VAL B 51 14.78 13.37 4.20
CA VAL B 51 15.21 12.53 5.31
C VAL B 51 14.72 11.09 5.13
N GLU B 52 15.51 10.14 5.61
CA GLU B 52 15.03 8.77 5.70
C GLU B 52 15.37 8.17 7.06
N PHE B 53 14.50 7.29 7.53
CA PHE B 53 14.57 6.76 8.89
C PHE B 53 14.77 5.26 8.93
N ALA B 54 15.72 4.81 9.76
CA ALA B 54 15.86 3.39 10.04
C ALA B 54 16.43 3.16 11.42
N THR B 55 16.17 1.99 11.98
CA THR B 55 16.49 1.73 13.38
C THR B 55 17.10 0.34 13.61
N ARG B 56 18.02 0.27 14.56
CA ARG B 56 18.60 -1.02 14.97
C ARG B 56 19.16 -0.95 16.38
N SER B 57 18.98 -2.03 17.14
CA SER B 57 19.41 -2.07 18.54
C SER B 57 20.71 -2.87 18.69
N ILE B 58 21.64 -2.38 19.51
CA ILE B 58 22.86 -3.14 19.81
C ILE B 58 23.19 -3.13 21.29
N GLN B 59 24.18 -3.94 21.66
CA GLN B 59 24.69 -3.94 23.03
C GLN B 59 26.14 -3.46 23.05
N VAL B 60 26.43 -2.51 23.94
CA VAL B 60 27.82 -2.11 24.16
C VAL B 60 28.15 -2.16 25.64
N ASP B 61 29.30 -2.76 25.94
CA ASP B 61 29.76 -2.93 27.32
C ASP B 61 28.68 -3.52 28.20
N GLY B 62 27.92 -4.46 27.65
CA GLY B 62 26.94 -5.19 28.42
C GLY B 62 25.57 -4.53 28.46
N LYS B 63 25.39 -3.47 27.71
CA LYS B 63 24.15 -2.70 27.81
C LYS B 63 23.43 -2.62 26.48
N THR B 64 22.13 -2.86 26.52
CA THR B 64 21.24 -2.80 25.35
C THR B 64 20.83 -1.40 24.99
N ILE B 65 21.29 -0.92 23.85
CA ILE B 65 20.93 0.41 23.32
C ILE B 65 20.06 0.24 22.08
N LYS B 66 19.37 1.32 21.71
CA LYS B 66 18.67 1.33 20.43
C LYS B 66 19.04 2.58 19.65
N ALA B 67 19.55 2.46 18.43
CA ALA B 67 19.95 3.61 17.62
C ALA B 67 18.83 4.00 16.63
N GLN B 68 18.56 5.30 16.54
CA GLN B 68 17.62 5.80 15.55
C GLN B 68 18.44 6.55 14.54
N ILE B 69 18.56 5.97 13.34
CA ILE B 69 19.45 6.56 12.36
C ILE B 69 18.66 7.36 11.34
N TRP B 70 19.14 8.57 11.08
CA TRP B 70 18.51 9.49 10.15
C TRP B 70 19.38 9.73 8.92
N ASP B 71 18.88 9.34 7.76
CA ASP B 71 19.62 9.53 6.54
C ASP B 71 19.15 10.87 5.96
N THR B 72 20.00 11.88 6.08
CA THR B 72 19.74 13.20 5.52
C THR B 72 20.17 13.33 4.04
N ALA B 73 20.20 14.55 3.54
CA ALA B 73 20.43 14.77 2.12
C ALA B 73 21.58 15.74 1.84
N GLY B 74 22.09 15.70 0.61
CA GLY B 74 23.16 16.58 0.18
C GLY B 74 22.65 17.73 -0.66
N ARG B 79 17.32 20.86 -1.35
CA ARG B 79 16.94 20.19 -0.11
C ARG B 79 17.97 20.45 0.97
N ALA B 80 18.55 21.66 0.95
CA ALA B 80 19.60 22.03 1.91
C ALA B 80 19.05 21.99 3.32
N ILE B 81 17.76 22.26 3.47
CA ILE B 81 17.16 22.37 4.79
C ILE B 81 16.72 21.06 5.44
N THR B 82 17.69 20.31 5.93
CA THR B 82 17.42 19.13 6.73
C THR B 82 17.81 19.39 8.17
N SER B 83 18.08 20.65 8.47
CA SER B 83 18.80 21.01 9.66
C SER B 83 18.10 20.54 10.89
N ALA B 84 16.79 20.62 10.88
CA ALA B 84 16.05 20.46 12.11
C ALA B 84 16.29 19.12 12.77
N TYR B 85 16.32 18.05 12.00
CA TYR B 85 16.59 16.76 12.64
C TYR B 85 17.89 16.65 13.46
N TYR B 86 18.80 17.59 13.31
CA TYR B 86 20.10 17.56 14.02
C TYR B 86 19.94 17.55 15.54
N ARG B 87 19.19 18.54 16.02
CA ARG B 87 18.79 18.74 17.42
C ARG B 87 18.52 17.45 18.17
N GLY B 88 19.11 17.32 19.35
CA GLY B 88 19.04 16.14 20.18
C GLY B 88 19.59 14.85 19.59
N ALA B 89 20.73 15.02 18.95
CA ALA B 89 21.54 13.95 18.38
C ALA B 89 22.82 13.78 19.21
N VAL B 90 23.01 12.60 19.79
CA VAL B 90 24.23 12.33 20.54
C VAL B 90 25.42 12.00 19.62
N GLY B 91 25.12 11.47 18.43
CA GLY B 91 26.18 11.08 17.52
C GLY B 91 25.82 11.38 16.09
N ALA B 92 26.84 11.64 15.27
CA ALA B 92 26.65 11.91 13.85
C ALA B 92 27.75 11.26 13.03
N LEU B 93 27.38 10.42 12.07
CA LEU B 93 28.36 9.90 11.13
C LEU B 93 28.50 10.82 9.93
N LEU B 94 29.67 11.45 9.83
CA LEU B 94 30.01 12.36 8.76
C LEU B 94 30.82 11.60 7.73
N VAL B 95 30.27 11.42 6.54
CA VAL B 95 30.85 10.51 5.56
C VAL B 95 31.41 11.23 4.34
N TYR B 96 32.56 10.75 3.87
CA TYR B 96 33.12 11.21 2.61
C TYR B 96 33.51 10.01 1.74
N ASP B 97 33.60 10.24 0.44
CA ASP B 97 34.02 9.19 -0.47
C ASP B 97 35.54 9.23 -0.65
N ILE B 98 36.22 8.18 -0.19
CA ILE B 98 37.67 8.04 -0.35
C ILE B 98 38.14 8.24 -1.78
N ALA B 99 37.28 7.90 -2.74
CA ALA B 99 37.63 7.92 -4.16
C ALA B 99 37.29 9.25 -4.84
N LYS B 100 36.73 10.19 -4.08
CA LYS B 100 36.40 11.51 -4.60
C LYS B 100 36.91 12.60 -3.67
N HIS B 101 38.08 13.13 -3.97
CA HIS B 101 38.79 14.04 -3.08
C HIS B 101 37.94 15.21 -2.60
N LEU B 102 37.14 15.78 -3.50
CA LEU B 102 36.32 16.93 -3.15
C LEU B 102 35.43 16.65 -1.93
N THR B 103 34.92 15.43 -1.83
CA THR B 103 34.07 15.05 -0.72
C THR B 103 34.81 15.08 0.63
N TYR B 104 36.10 14.74 0.59
CA TYR B 104 36.96 14.84 1.76
C TYR B 104 37.32 16.29 2.05
N GLU B 105 37.49 17.06 0.99
CA GLU B 105 37.86 18.47 1.09
C GLU B 105 36.80 19.27 1.83
N ASN B 106 35.53 18.96 1.60
CA ASN B 106 34.44 19.70 2.23
C ASN B 106 34.19 19.30 3.68
N VAL B 107 34.98 18.35 4.18
CA VAL B 107 34.83 17.88 5.55
C VAL B 107 35.18 18.97 6.57
N GLU B 108 36.01 19.92 6.13
CA GLU B 108 36.39 21.05 6.97
C GLU B 108 35.19 21.97 7.14
N ARG B 109 34.43 22.14 6.07
CA ARG B 109 33.25 23.00 6.09
C ARG B 109 32.13 22.25 6.82
N TRP B 110 32.20 20.93 6.81
CA TRP B 110 31.23 20.09 7.48
C TRP B 110 31.44 20.06 9.00
N LEU B 111 32.63 20.44 9.45
CA LEU B 111 32.91 20.50 10.90
C LEU B 111 32.60 21.89 11.44
N LYS B 112 32.73 22.89 10.58
CA LYS B 112 32.29 24.24 10.88
C LYS B 112 30.77 24.23 11.00
N GLU B 113 30.13 23.48 10.11
CA GLU B 113 28.70 23.18 10.19
C GLU B 113 28.21 22.65 11.54
N LEU B 114 28.71 21.48 11.96
CA LEU B 114 28.34 20.94 13.27
C LEU B 114 28.57 21.91 14.43
N ARG B 115 29.50 22.85 14.23
CA ARG B 115 29.75 23.90 15.19
C ARG B 115 28.88 25.12 14.93
N ASP B 116 27.80 24.92 14.19
CA ASP B 116 26.74 25.92 14.09
C ASP B 116 25.33 25.42 14.43
N HIS B 117 25.03 24.17 14.07
CA HIS B 117 23.66 23.67 14.19
C HIS B 117 23.49 22.45 15.08
N ALA B 118 24.50 22.11 15.86
CA ALA B 118 24.45 20.88 16.64
C ALA B 118 25.16 20.99 17.97
N ASP B 119 24.81 20.08 18.88
CA ASP B 119 25.36 20.04 20.23
C ASP B 119 26.88 20.15 20.19
N SER B 120 27.44 21.01 21.04
CA SER B 120 28.88 21.26 21.05
C SER B 120 29.60 20.11 21.72
N ASN B 121 28.83 19.16 22.24
CA ASN B 121 29.39 17.99 22.90
C ASN B 121 28.81 16.74 22.27
N ILE B 122 28.92 16.66 20.95
CA ILE B 122 28.36 15.56 20.18
C ILE B 122 29.46 14.61 19.69
N VAL B 123 29.15 13.33 19.63
CA VAL B 123 30.13 12.37 19.14
C VAL B 123 30.14 12.31 17.62
N ILE B 124 31.31 12.52 17.02
CA ILE B 124 31.46 12.52 15.58
C ILE B 124 32.43 11.43 15.12
N MET B 125 32.05 10.68 14.11
CA MET B 125 32.99 9.78 13.44
C MET B 125 33.23 10.20 12.00
N LEU B 126 34.50 10.35 11.63
CA LEU B 126 34.84 10.57 10.23
C LEU B 126 34.86 9.22 9.53
N VAL B 127 34.21 9.15 8.37
CA VAL B 127 34.12 7.87 7.65
C VAL B 127 34.55 8.00 6.21
N GLY B 128 35.59 7.24 5.85
CA GLY B 128 35.97 7.05 4.46
C GLY B 128 35.26 5.83 3.91
N ASN B 129 34.31 6.06 3.01
CA ASN B 129 33.52 4.97 2.45
C ASN B 129 33.99 4.58 1.05
N LYS B 130 33.61 3.38 0.63
CA LYS B 130 34.00 2.84 -0.67
C LYS B 130 35.47 2.44 -0.66
N SER B 131 35.89 1.74 0.38
CA SER B 131 37.26 1.30 0.52
C SER B 131 37.57 0.18 -0.47
N ASP B 132 36.52 -0.44 -0.99
CA ASP B 132 36.64 -1.46 -2.04
C ASP B 132 37.25 -0.91 -3.34
N LEU B 133 37.04 0.38 -3.59
CA LEU B 133 37.62 1.04 -4.75
C LEU B 133 39.09 1.34 -4.52
N ARG B 134 39.86 0.29 -4.29
CA ARG B 134 41.29 0.40 -3.99
C ARG B 134 42.02 1.25 -5.04
N HIS B 135 41.79 0.91 -6.30
CA HIS B 135 42.53 1.52 -7.41
C HIS B 135 42.11 2.95 -7.72
N LEU B 136 40.98 3.40 -7.17
CA LEU B 136 40.51 4.77 -7.41
C LEU B 136 40.72 5.71 -6.23
N ARG B 137 41.42 5.25 -5.20
CA ARG B 137 41.59 6.05 -3.99
C ARG B 137 42.19 7.42 -4.27
N ALA B 138 41.50 8.45 -3.80
CA ALA B 138 41.93 9.83 -4.01
C ALA B 138 42.21 10.52 -2.69
N VAL B 139 42.01 9.77 -1.61
CA VAL B 139 42.25 10.27 -0.26
C VAL B 139 42.99 9.21 0.55
N PRO B 140 44.26 9.48 0.88
CA PRO B 140 45.08 8.51 1.61
C PRO B 140 44.64 8.38 3.06
N THR B 141 44.66 7.14 3.56
CA THR B 141 44.21 6.83 4.90
C THR B 141 44.98 7.64 5.94
N ASP B 142 46.27 7.87 5.67
CA ASP B 142 47.12 8.62 6.57
C ASP B 142 46.69 10.09 6.65
N GLU B 143 46.44 10.70 5.49
CA GLU B 143 45.99 12.08 5.43
C GLU B 143 44.68 12.26 6.21
N ALA B 144 43.80 11.28 6.11
CA ALA B 144 42.49 11.32 6.77
C ALA B 144 42.68 11.22 8.29
N ARG B 145 43.39 10.18 8.72
CA ARG B 145 43.63 9.92 10.13
C ARG B 145 44.43 11.05 10.78
N ALA B 146 45.27 11.70 9.97
CA ALA B 146 45.99 12.90 10.41
C ALA B 146 45.02 14.01 10.79
N PHE B 147 44.13 14.37 9.86
CA PHE B 147 43.07 15.34 10.14
C PHE B 147 42.20 14.87 11.29
N ALA B 148 42.06 13.55 11.41
CA ALA B 148 41.20 12.93 12.41
C ALA B 148 41.67 13.29 13.82
N GLU B 149 42.96 13.11 14.08
CA GLU B 149 43.52 13.33 15.41
C GLU B 149 44.04 14.76 15.54
N LYS B 150 44.23 15.44 14.42
CA LYS B 150 44.42 16.89 14.43
C LYS B 150 43.19 17.54 15.05
N ASN B 151 42.05 16.87 14.89
CA ASN B 151 40.79 17.37 15.45
C ASN B 151 40.32 16.47 16.59
N GLY B 152 39.05 16.59 16.94
CA GLY B 152 38.44 15.75 17.95
C GLY B 152 37.49 14.71 17.39
N LEU B 153 37.85 14.11 16.26
CA LEU B 153 36.98 13.12 15.65
C LEU B 153 37.59 11.71 15.67
N SER B 154 36.72 10.71 15.82
CA SER B 154 37.11 9.32 15.62
C SER B 154 37.05 8.98 14.13
N PHE B 155 37.83 7.99 13.71
CA PHE B 155 38.07 7.75 12.29
C PHE B 155 38.07 6.28 11.90
N ILE B 156 37.51 6.00 10.72
CA ILE B 156 37.47 4.65 10.18
C ILE B 156 37.15 4.69 8.68
N GLU B 157 37.53 3.64 7.95
CA GLU B 157 37.14 3.52 6.55
C GLU B 157 36.25 2.31 6.34
N THR B 158 35.16 2.51 5.61
CA THR B 158 34.20 1.45 5.36
C THR B 158 33.97 1.18 3.88
N SER B 159 33.40 0.01 3.59
CA SER B 159 32.79 -0.25 2.29
C SER B 159 31.37 -0.77 2.49
N ALA B 160 30.37 0.05 2.14
CA ALA B 160 28.99 -0.41 2.12
C ALA B 160 28.78 -1.56 1.13
N LEU B 161 29.56 -1.58 0.06
CA LEU B 161 29.40 -2.59 -0.99
C LEU B 161 29.74 -3.99 -0.49
N ASP B 162 30.96 -4.17 0.03
CA ASP B 162 31.38 -5.46 0.58
C ASP B 162 31.08 -5.63 2.08
N SER B 163 30.63 -4.56 2.73
CA SER B 163 30.20 -4.54 4.14
C SER B 163 31.36 -4.49 5.15
N THR B 164 32.58 -4.31 4.66
CA THR B 164 33.74 -4.07 5.52
C THR B 164 33.55 -2.92 6.50
N ASN B 165 33.71 -3.21 7.79
CA ASN B 165 33.72 -2.16 8.83
C ASN B 165 32.39 -1.45 9.02
N VAL B 166 31.33 -1.92 8.37
CA VAL B 166 30.04 -1.25 8.47
C VAL B 166 29.46 -1.46 9.86
N GLU B 167 29.43 -2.71 10.32
CA GLU B 167 29.06 -3.03 11.69
C GLU B 167 29.98 -2.29 12.66
N ALA B 168 31.28 -2.41 12.43
CA ALA B 168 32.30 -1.77 13.26
C ALA B 168 32.02 -0.29 13.46
N ALA B 169 31.66 0.40 12.38
CA ALA B 169 31.47 1.86 12.42
C ALA B 169 30.41 2.23 13.47
N PHE B 170 29.22 1.65 13.34
CA PHE B 170 28.14 1.88 14.31
C PHE B 170 28.55 1.51 15.73
N GLN B 171 29.09 0.30 15.90
CA GLN B 171 29.43 -0.20 17.23
C GLN B 171 30.49 0.66 17.90
N THR B 172 31.39 1.22 17.10
CA THR B 172 32.37 2.18 17.61
C THR B 172 31.71 3.41 18.20
N ILE B 173 30.87 4.08 17.40
CA ILE B 173 30.26 5.34 17.83
C ILE B 173 29.31 5.15 19.00
N LEU B 174 28.63 4.02 19.04
CA LEU B 174 27.69 3.73 20.11
C LEU B 174 28.42 3.47 21.42
N THR B 175 29.54 2.76 21.33
CA THR B 175 30.38 2.52 22.50
C THR B 175 30.93 3.84 23.02
N GLU B 176 31.51 4.63 22.11
CA GLU B 176 32.01 5.97 22.43
C GLU B 176 30.95 6.80 23.16
N ILE B 177 29.73 6.75 22.66
CA ILE B 177 28.62 7.47 23.29
C ILE B 177 28.44 7.00 24.73
N TYR B 178 28.25 5.69 24.92
CA TYR B 178 27.99 5.15 26.25
C TYR B 178 29.06 5.57 27.27
N ARG B 179 30.24 5.95 26.78
CA ARG B 179 31.31 6.43 27.65
C ARG B 179 30.98 7.78 28.28
N ILE B 180 29.75 8.25 28.08
CA ILE B 180 29.31 9.50 28.68
C ILE B 180 28.53 9.22 29.96
N VAL B 181 28.97 8.21 30.71
CA VAL B 181 28.24 7.75 31.88
C VAL B 181 28.23 8.85 32.94
N SER B 182 27.03 9.21 33.39
CA SER B 182 26.87 10.27 34.39
C SER B 182 26.85 9.70 35.80
N GLN B 183 27.60 10.35 36.70
CA GLN B 183 27.71 9.91 38.09
C GLN B 183 27.06 10.91 39.03
C18 5W7 C . -17.56 0.68 1.69
C19 5W7 C . -12.83 -4.46 4.39
C20 5W7 C . -12.24 -4.49 3.01
C23 5W7 C . -13.18 -4.80 6.55
C25 5W7 C . -15.19 -3.97 8.33
C26 5W7 C . -14.15 -4.77 8.82
N1 5W7 C . -18.25 0.69 9.92
C2 5W7 C . -15.11 -2.94 4.18
C1 5W7 C . -14.08 -3.79 4.85
C5 5W7 C . -17.02 -1.33 2.91
C9 5W7 C . -18.98 0.34 8.66
C8 5W7 C . -18.95 -1.16 8.44
C13 5W7 C . -18.33 1.05 7.46
C12 5W7 C . -19.63 -1.54 7.13
C3 5W7 C . -14.72 -1.94 3.30
C4 5W7 C . -15.67 -1.14 2.67
C27 5W7 C . -13.14 -5.21 7.98
C6 5W7 C . -17.42 -2.33 3.78
C7 5W7 C . -16.47 -3.13 4.41
C11 5W7 C . -18.96 -0.85 5.94
C10 5W7 C . -19.01 0.66 6.16
C31 5W7 C . -12.60 -8.32 9.09
C30 5W7 C . -12.41 -6.88 9.56
C33 5W7 C . -11.77 -10.42 9.94
C34 5W7 C . -11.11 -11.05 11.14
S8 5W7 C . -18.99 -2.57 4.08
O9 5W7 C . -19.14 -3.63 5.03
O10 5W7 C . -19.65 -2.92 2.86
N11 5W7 C . -19.64 -1.21 4.68
O17 5W7 C . -17.95 -0.55 2.30
N21 5W7 C . -12.35 -5.07 5.50
N22 5W7 C . -14.20 -4.04 6.14
N24 5W7 C . -15.21 -3.61 7.02
CL1 5W7 C . -16.48 -3.42 9.45
N29 5W7 C . -12.15 -5.97 8.46
N32 5W7 C . -12.37 -9.26 10.17
O35 5W7 C . -11.75 -10.94 8.83
PG GSP D . 22.68 10.95 -0.91
O3B GSP D . 23.34 9.79 -0.09
S1G GSP D . 20.86 10.39 -1.36
O2G GSP D . 22.64 12.26 -0.07
O3G GSP D . 23.47 11.24 -2.24
PB GSP D . 24.70 9.11 -0.53
O1B GSP D . 25.10 9.74 -1.82
O2B GSP D . 25.77 9.38 0.51
PA GSP D . 23.55 6.92 -1.86
O1A GSP D . 22.33 7.79 -2.00
O2A GSP D . 23.13 5.54 -1.48
O3A GSP D . 24.51 7.53 -0.77
O5' GSP D . 24.31 6.86 -3.27
C5' GSP D . 25.77 6.74 -3.22
C4' GSP D . 26.29 6.04 -4.46
O4' GSP D . 27.48 5.62 -4.20
C3' GSP D . 25.36 4.72 -4.86
O3' GSP D . 25.07 4.76 -6.29
C2' GSP D . 25.99 3.69 -4.59
O2' GSP D . 25.81 2.70 -5.71
C1' GSP D . 27.50 4.13 -4.52
N9 GSP D . 28.22 3.49 -3.64
C8 GSP D . 27.72 3.79 -2.42
N7 GSP D . 28.47 3.14 -1.50
C5 GSP D . 29.45 2.45 -2.15
C6 GSP D . 30.59 1.56 -1.63
O6 GSP D . 30.72 1.37 -0.44
N1 GSP D . 31.48 0.96 -2.54
C2 GSP D . 31.31 1.19 -3.93
N2 GSP D . 32.21 0.59 -4.88
N3 GSP D . 30.23 2.06 -4.43
C4 GSP D . 29.31 2.67 -3.48
HOG2 GSP D . 23.48 12.45 0.23
HOG3 GSP D . 23.04 11.84 -2.71
H5'1 GSP D . 26.16 7.64 -3.17
H5'2 GSP D . 26.02 6.23 -2.42
H4' GSP D . 26.33 6.67 -5.21
H3' GSP D . 24.51 4.74 -4.36
HO3' GSP D . 24.32 4.35 -6.46
H2' GSP D . 25.69 3.32 -3.74
HO2' GSP D . 24.95 2.43 -5.74
H1' GSP D . 27.91 4.01 -5.42
H8 GSP D . 26.94 4.37 -2.24
HN1 GSP D . 32.16 0.42 -2.24
HN21 GSP D . 32.11 0.74 -5.77
HN22 GSP D . 32.90 0.05 -4.59
#